data_4CR6
#
_entry.id   4CR6
#
_cell.length_a   59.255
_cell.length_b   59.062
_cell.length_c   74.206
_cell.angle_alpha   81.13
_cell.angle_beta   73.29
_cell.angle_gamma   79.25
#
_symmetry.space_group_name_H-M   'P 1'
#
loop_
_entity.id
_entity.type
_entity.pdbx_description
1 polymer 'N-ACYLMANNOSAMINE 1-DEHYDROGENASE'
2 non-polymer alpha-D-mannopyranose
3 water water
#
_entity_poly.entity_id   1
_entity_poly.type   'polypeptide(L)'
_entity_poly.pdbx_seq_one_letter_code
;MTTAGVSRRPGRLAGKAAIVTGAAGGIGRATVEAYLREGASVVAMDLAPRLAATRYEEPGAIPIACDLADRAAIDAAMAD
AVARLGGLDILVAGGALKGGTGNFLDLSDADWDRYVDVNMTGTFLTCRAGARAMVAAGAGKDGRSARIITIGSVNSFMAE
PEAAAYVAAKGGVAMLTRAMAVDLARHGILVNMIAPGPVDVTGNNTGYSEPRLAEQVLDEVALGRPGLPEEVATAAVFLA
EDGSSFITGSTITIDGGLSAMIFGGMREGRR
;
_entity_poly.pdbx_strand_id   A,B,C,D
#
# COMPACT_ATOMS: atom_id res chain seq x y z
N GLY A 11 31.10 15.06 10.20
CA GLY A 11 30.51 13.86 9.55
C GLY A 11 29.17 13.49 10.18
N ARG A 12 28.18 13.16 9.35
CA ARG A 12 26.82 12.88 9.84
C ARG A 12 26.70 11.64 10.74
N LEU A 13 27.63 10.68 10.58
CA LEU A 13 27.71 9.46 11.40
C LEU A 13 28.96 9.40 12.33
N ALA A 14 29.52 10.56 12.64
CA ALA A 14 30.80 10.64 13.38
C ALA A 14 30.79 9.87 14.70
N GLY A 15 31.63 8.84 14.79
CA GLY A 15 31.82 8.10 16.04
C GLY A 15 30.87 6.94 16.30
N LYS A 16 29.99 6.66 15.33
CA LYS A 16 29.04 5.54 15.47
C LYS A 16 29.68 4.28 14.96
N ALA A 17 29.35 3.17 15.61
CA ALA A 17 29.79 1.84 15.23
C ALA A 17 28.73 1.20 14.35
N ALA A 18 29.15 0.71 13.19
CA ALA A 18 28.25 0.13 12.22
C ALA A 18 28.75 -1.20 11.71
N ILE A 19 27.80 -2.11 11.53
CA ILE A 19 28.01 -3.34 10.81
C ILE A 19 27.20 -3.29 9.50
N VAL A 20 27.87 -3.56 8.39
CA VAL A 20 27.23 -3.72 7.08
C VAL A 20 27.45 -5.16 6.59
N THR A 21 26.37 -5.92 6.46
CA THR A 21 26.42 -7.24 5.83
C THR A 21 26.22 -7.17 4.31
N GLY A 22 26.57 -8.24 3.61
CA GLY A 22 26.63 -8.21 2.14
C GLY A 22 27.57 -7.15 1.60
N ALA A 23 28.68 -6.93 2.32
CA ALA A 23 29.56 -5.77 2.14
C ALA A 23 30.47 -5.83 0.92
N ALA A 24 30.57 -6.99 0.30
CA ALA A 24 31.29 -7.14 -0.97
C ALA A 24 30.36 -6.95 -2.18
N GLY A 25 29.05 -6.94 -1.96
CA GLY A 25 28.07 -6.69 -3.04
C GLY A 25 27.90 -5.21 -3.36
N GLY A 26 27.33 -4.90 -4.53
CA GLY A 26 27.09 -3.50 -4.95
C GLY A 26 26.59 -2.53 -3.90
N ILE A 27 25.37 -2.74 -3.41
CA ILE A 27 24.78 -1.81 -2.45
C ILE A 27 25.56 -1.84 -1.12
N GLY A 28 25.93 -3.02 -0.65
CA GLY A 28 26.70 -3.15 0.61
C GLY A 28 28.05 -2.42 0.51
N ARG A 29 28.78 -2.63 -0.58
CA ARG A 29 30.05 -1.92 -0.77
C ARG A 29 29.82 -0.42 -0.74
N ALA A 30 28.85 0.08 -1.50
CA ALA A 30 28.57 1.52 -1.54
C ALA A 30 28.16 2.07 -0.15
N THR A 31 27.48 1.24 0.63
CA THR A 31 27.11 1.61 2.01
C THR A 31 28.35 1.71 2.95
N VAL A 32 29.22 0.73 2.89
CA VAL A 32 30.52 0.79 3.62
C VAL A 32 31.22 2.11 3.32
N GLU A 33 31.36 2.44 2.04
CA GLU A 33 32.07 3.66 1.61
C GLU A 33 31.41 4.93 2.13
N ALA A 34 30.08 5.04 1.95
CA ALA A 34 29.36 6.20 2.44
C ALA A 34 29.47 6.38 3.95
N TYR A 35 29.37 5.26 4.66
CA TYR A 35 29.48 5.24 6.12
C TYR A 35 30.89 5.72 6.59
N LEU A 36 31.93 5.20 5.95
CA LEU A 36 33.31 5.63 6.25
C LEU A 36 33.51 7.13 5.98
N ARG A 37 32.99 7.63 4.86
CA ARG A 37 33.08 9.07 4.53
C ARG A 37 32.34 9.97 5.51
N GLU A 38 31.28 9.45 6.13
CA GLU A 38 30.50 10.21 7.09
C GLU A 38 30.96 10.00 8.55
N GLY A 39 32.08 9.29 8.73
CA GLY A 39 32.81 9.28 10.00
C GLY A 39 32.59 8.05 10.88
N ALA A 40 31.94 7.02 10.36
CA ALA A 40 31.63 5.85 11.17
C ALA A 40 32.80 4.89 11.20
N SER A 41 32.85 4.08 12.26
CA SER A 41 33.71 2.91 12.31
C SER A 41 32.90 1.74 11.78
N VAL A 42 33.43 1.03 10.79
CA VAL A 42 32.64 0.10 10.02
C VAL A 42 33.23 -1.28 9.93
N VAL A 43 32.44 -2.27 10.31
CA VAL A 43 32.73 -3.65 9.95
C VAL A 43 32.01 -4.00 8.66
N ALA A 44 32.79 -4.48 7.68
CA ALA A 44 32.29 -5.05 6.42
C ALA A 44 32.25 -6.58 6.50
N MET A 45 31.03 -7.14 6.51
CA MET A 45 30.82 -8.58 6.57
C MET A 45 30.31 -9.16 5.26
N ASP A 46 30.98 -10.22 4.81
CA ASP A 46 30.56 -11.00 3.67
C ASP A 46 31.31 -12.33 3.63
N LEU A 47 31.09 -13.14 2.61
CA LEU A 47 31.85 -14.37 2.42
C LEU A 47 33.35 -14.05 2.32
N ALA A 48 34.17 -14.90 2.92
CA ALA A 48 35.63 -14.69 2.96
C ALA A 48 36.22 -14.49 1.55
N PRO A 49 35.92 -15.41 0.61
CA PRO A 49 36.46 -15.21 -0.74
C PRO A 49 36.00 -13.90 -1.40
N ARG A 50 34.76 -13.48 -1.15
CA ARG A 50 34.25 -12.22 -1.74
C ARG A 50 34.93 -11.01 -1.12
N LEU A 51 35.11 -11.01 0.21
CA LEU A 51 35.89 -9.96 0.89
C LEU A 51 37.33 -9.93 0.37
N ALA A 52 37.93 -11.10 0.19
CA ALA A 52 39.27 -11.21 -0.40
C ALA A 52 39.38 -10.43 -1.72
N ALA A 53 38.35 -10.48 -2.56
CA ALA A 53 38.39 -9.87 -3.90
C ALA A 53 37.73 -8.48 -4.00
N THR A 54 37.53 -7.78 -2.88
CA THR A 54 36.97 -6.43 -2.89
C THR A 54 38.00 -5.41 -2.44
N ARG A 55 38.00 -4.26 -3.10
CA ARG A 55 38.69 -3.07 -2.60
C ARG A 55 37.61 -2.04 -2.29
N TYR A 56 37.79 -1.29 -1.21
CA TYR A 56 36.92 -0.18 -0.89
C TYR A 56 37.59 1.13 -1.32
N GLU A 57 36.79 2.07 -1.83
CA GLU A 57 37.32 3.37 -2.26
C GLU A 57 37.70 4.24 -1.06
N GLU A 58 37.23 3.86 0.13
CA GLU A 58 37.54 4.57 1.36
C GLU A 58 38.24 3.63 2.37
N PRO A 59 39.25 4.15 3.11
CA PRO A 59 39.98 3.31 4.06
C PRO A 59 39.33 3.25 5.42
N GLY A 60 39.58 2.16 6.15
CA GLY A 60 39.13 2.04 7.53
C GLY A 60 38.20 0.87 7.77
N ALA A 61 37.72 0.23 6.70
CA ALA A 61 36.81 -0.92 6.83
C ALA A 61 37.48 -2.09 7.56
N ILE A 62 36.76 -2.68 8.50
CA ILE A 62 37.24 -3.88 9.23
C ILE A 62 36.57 -5.10 8.62
N PRO A 63 37.32 -5.88 7.83
CA PRO A 63 36.71 -7.05 7.23
C PRO A 63 36.48 -8.22 8.21
N ILE A 64 35.26 -8.78 8.20
CA ILE A 64 34.92 -9.93 9.03
C ILE A 64 34.13 -10.94 8.20
N ALA A 65 34.74 -12.12 7.98
CA ALA A 65 34.14 -13.17 7.18
C ALA A 65 32.92 -13.75 7.88
N CYS A 66 31.90 -14.07 7.09
CA CYS A 66 30.70 -14.74 7.60
C CYS A 66 30.00 -15.51 6.50
N ASP A 67 29.03 -16.33 6.90
CA ASP A 67 28.30 -17.23 6.00
C ASP A 67 26.78 -17.19 6.28
N LEU A 68 26.02 -16.44 5.48
CA LEU A 68 24.55 -16.42 5.60
C LEU A 68 23.95 -17.74 5.12
N ARG A 71 24.19 -20.17 10.98
CA ARG A 71 23.64 -19.72 12.26
C ARG A 71 24.72 -19.56 13.34
N ALA A 72 25.52 -20.61 13.55
CA ALA A 72 26.70 -20.49 14.40
C ALA A 72 27.69 -19.48 13.80
N ALA A 73 27.84 -19.48 12.48
CA ALA A 73 28.77 -18.54 11.84
C ALA A 73 28.29 -17.12 11.97
N ILE A 74 26.99 -16.90 11.87
CA ILE A 74 26.46 -15.55 12.05
C ILE A 74 26.68 -15.06 13.50
N ASP A 75 26.41 -15.90 14.49
CA ASP A 75 26.62 -15.47 15.88
C ASP A 75 28.10 -15.20 16.16
N ALA A 76 28.98 -16.04 15.61
CA ALA A 76 30.43 -15.86 15.77
C ALA A 76 30.89 -14.56 15.13
N ALA A 77 30.56 -14.37 13.87
CA ALA A 77 30.94 -13.13 13.17
C ALA A 77 30.41 -11.89 13.88
N MET A 78 29.14 -11.92 14.30
CA MET A 78 28.55 -10.75 14.99
C MET A 78 29.26 -10.45 16.33
N ALA A 79 29.50 -11.47 17.16
CA ALA A 79 30.24 -11.26 18.42
C ALA A 79 31.63 -10.69 18.14
N ASP A 80 32.31 -11.28 17.16
CA ASP A 80 33.62 -10.83 16.69
C ASP A 80 33.56 -9.36 16.34
N ALA A 81 32.61 -9.01 15.46
CA ALA A 81 32.43 -7.63 15.01
C ALA A 81 32.16 -6.65 16.15
N VAL A 82 31.25 -7.00 17.06
CA VAL A 82 30.91 -6.10 18.18
C VAL A 82 32.12 -5.94 19.13
N ALA A 83 32.84 -7.03 19.36
CA ALA A 83 34.11 -6.98 20.11
C ALA A 83 35.05 -5.92 19.50
N ARG A 84 35.29 -6.00 18.19
CA ARG A 84 36.21 -5.05 17.49
C ARG A 84 35.74 -3.61 17.45
N LEU A 85 34.42 -3.38 17.37
CA LEU A 85 33.91 -2.01 17.40
C LEU A 85 33.77 -1.43 18.83
N GLY A 86 33.64 -2.29 19.84
CA GLY A 86 33.40 -1.85 21.23
C GLY A 86 31.99 -1.35 21.47
N GLY A 87 31.03 -1.85 20.69
CA GLY A 87 29.63 -1.36 20.72
C GLY A 87 28.95 -1.68 19.41
N LEU A 88 27.71 -1.21 19.26
CA LEU A 88 27.01 -1.31 17.96
C LEU A 88 25.90 -0.30 17.95
N ASP A 89 25.93 0.59 16.96
CA ASP A 89 24.93 1.64 16.85
C ASP A 89 24.03 1.47 15.62
N ILE A 90 24.57 0.84 14.57
CA ILE A 90 23.91 0.77 13.26
C ILE A 90 24.19 -0.58 12.68
N LEU A 91 23.13 -1.25 12.26
CA LEU A 91 23.26 -2.46 11.48
C LEU A 91 22.56 -2.31 10.15
N VAL A 92 23.27 -2.62 9.06
CA VAL A 92 22.68 -2.70 7.71
C VAL A 92 22.72 -4.14 7.28
N ALA A 93 21.55 -4.77 7.19
CA ALA A 93 21.44 -6.15 6.82
C ALA A 93 21.24 -6.25 5.29
N GLY A 94 22.35 -6.30 4.56
CA GLY A 94 22.35 -6.31 3.10
C GLY A 94 22.70 -7.64 2.43
N GLY A 95 23.05 -8.65 3.23
CA GLY A 95 23.35 -9.98 2.68
C GLY A 95 22.08 -10.49 2.03
N ALA A 96 22.19 -10.95 0.79
CA ALA A 96 21.02 -11.36 0.02
C ALA A 96 21.40 -12.08 -1.28
N LEU A 97 20.64 -13.12 -1.61
CA LEU A 97 20.70 -13.76 -2.92
C LEU A 97 19.64 -13.14 -3.83
N LYS A 98 20.06 -12.67 -5.01
CA LYS A 98 19.14 -12.07 -5.97
C LYS A 98 19.21 -12.85 -7.26
N GLY A 99 18.08 -13.41 -7.66
CA GLY A 99 18.07 -14.22 -8.86
C GLY A 99 16.71 -14.84 -9.08
N GLY A 100 16.45 -15.20 -10.33
CA GLY A 100 15.22 -15.88 -10.71
C GLY A 100 15.50 -17.34 -10.99
N THR A 101 14.44 -18.13 -11.01
CA THR A 101 14.57 -19.57 -11.11
C THR A 101 13.90 -20.12 -12.37
N GLY A 102 12.76 -19.55 -12.74
CA GLY A 102 11.87 -20.13 -13.74
C GLY A 102 10.45 -19.98 -13.26
N ASN A 103 9.52 -20.65 -13.94
CA ASN A 103 8.11 -20.53 -13.59
C ASN A 103 7.80 -21.23 -12.27
N PHE A 104 6.80 -20.70 -11.56
CA PHE A 104 6.40 -21.23 -10.28
C PHE A 104 6.11 -22.71 -10.33
N LEU A 105 5.47 -23.18 -11.40
CA LEU A 105 5.13 -24.59 -11.58
C LEU A 105 6.34 -25.55 -11.43
N ASP A 106 7.52 -25.06 -11.79
CA ASP A 106 8.76 -25.85 -11.83
C ASP A 106 9.74 -25.49 -10.73
N LEU A 107 9.34 -24.64 -9.77
CA LEU A 107 10.23 -24.22 -8.71
C LEU A 107 10.53 -25.35 -7.73
N SER A 108 11.80 -25.70 -7.58
CA SER A 108 12.15 -26.87 -6.76
C SER A 108 12.20 -26.52 -5.28
N ASP A 109 12.12 -27.54 -4.43
CA ASP A 109 12.26 -27.35 -2.96
C ASP A 109 13.60 -26.73 -2.63
N ALA A 110 14.65 -27.18 -3.33
CA ALA A 110 15.99 -26.67 -3.08
C ALA A 110 16.15 -25.16 -3.35
N ASP A 111 15.52 -24.64 -4.42
CA ASP A 111 15.61 -23.17 -4.71
C ASP A 111 14.75 -22.39 -3.70
N TRP A 112 13.55 -22.86 -3.45
CA TRP A 112 12.71 -22.30 -2.36
C TRP A 112 13.51 -22.17 -1.05
N ASP A 113 14.03 -23.30 -0.57
CA ASP A 113 14.82 -23.30 0.68
C ASP A 113 16.01 -22.35 0.68
N ARG A 114 16.70 -22.22 -0.43
CA ARG A 114 17.88 -21.38 -0.46
C ARG A 114 17.55 -19.89 -0.32
N TYR A 115 16.54 -19.46 -1.07
CA TYR A 115 16.13 -18.06 -0.98
C TYR A 115 15.53 -17.75 0.39
N VAL A 116 14.66 -18.62 0.89
CA VAL A 116 14.01 -18.34 2.16
C VAL A 116 15.07 -18.39 3.26
N ASP A 117 15.90 -19.45 3.29
CA ASP A 117 16.97 -19.55 4.31
C ASP A 117 17.95 -18.37 4.27
N VAL A 118 18.43 -18.02 3.09
CA VAL A 118 19.45 -16.99 3.02
C VAL A 118 18.89 -15.58 3.21
N ASN A 119 17.87 -15.22 2.44
CA ASN A 119 17.32 -13.86 2.46
C ASN A 119 16.48 -13.57 3.73
N MET A 120 15.66 -14.51 4.14
CA MET A 120 14.71 -14.25 5.20
C MET A 120 15.27 -14.68 6.56
N THR A 121 15.60 -15.95 6.68
CA THR A 121 16.12 -16.48 7.94
C THR A 121 17.47 -15.83 8.26
N GLY A 122 18.30 -15.63 7.23
CA GLY A 122 19.59 -14.96 7.43
C GLY A 122 19.42 -13.56 7.96
N THR A 123 18.43 -12.83 7.43
CA THR A 123 18.17 -11.48 7.89
C THR A 123 17.62 -11.55 9.30
N PHE A 124 16.79 -12.53 9.59
CA PHE A 124 16.25 -12.66 10.96
C PHE A 124 17.38 -12.86 11.98
N LEU A 125 18.31 -13.76 11.65
CA LEU A 125 19.39 -14.18 12.57
C LEU A 125 20.40 -13.05 12.83
N THR A 126 20.70 -12.28 11.78
CA THR A 126 21.57 -11.16 11.83
C THR A 126 20.97 -10.03 12.65
N CYS A 127 19.69 -9.75 12.43
CA CYS A 127 19.03 -8.67 13.11
C CYS A 127 18.79 -8.95 14.62
N ARG A 128 18.45 -10.18 14.96
CA ARG A 128 18.26 -10.57 16.36
C ARG A 128 19.59 -10.45 17.11
N ALA A 129 20.66 -10.94 16.49
CA ALA A 129 22.00 -10.86 17.10
C ALA A 129 22.38 -9.41 17.28
N GLY A 130 22.13 -8.60 16.26
CA GLY A 130 22.45 -7.17 16.31
C GLY A 130 21.61 -6.39 17.31
N ALA A 131 20.30 -6.64 17.35
CA ALA A 131 19.41 -5.98 18.30
C ALA A 131 19.86 -6.31 19.73
N ARG A 132 20.19 -7.58 19.96
CA ARG A 132 20.67 -8.03 21.29
C ARG A 132 21.95 -7.32 21.71
N ALA A 133 22.90 -7.17 20.78
CA ALA A 133 24.14 -6.40 21.03
C ALA A 133 23.90 -4.91 21.25
N MET A 134 22.92 -4.35 20.55
CA MET A 134 22.62 -2.94 20.72
C MET A 134 22.07 -2.67 22.10
N VAL A 135 21.21 -3.56 22.60
CA VAL A 135 20.62 -3.42 23.93
C VAL A 135 21.71 -3.66 25.01
N ALA A 136 22.54 -4.67 24.82
CA ALA A 136 23.66 -4.93 25.75
C ALA A 136 24.58 -3.72 25.82
N ALA A 137 24.79 -3.03 24.69
CA ALA A 137 25.62 -1.82 24.62
C ALA A 137 24.95 -0.51 25.06
N GLY A 138 23.67 -0.54 25.44
CA GLY A 138 23.00 0.62 26.04
C GLY A 138 22.21 1.55 25.11
N ALA A 139 21.61 0.98 24.08
CA ALA A 139 20.81 1.76 23.13
C ALA A 139 19.75 2.59 23.85
N ARG A 144 19.47 9.02 22.18
CA ARG A 144 19.74 8.60 20.80
C ARG A 144 19.44 7.11 20.61
N SER A 145 18.72 6.80 19.53
CA SER A 145 18.32 5.43 19.24
C SER A 145 19.33 4.74 18.34
N ALA A 146 19.56 3.45 18.58
CA ALA A 146 20.26 2.61 17.64
C ALA A 146 19.35 2.37 16.40
N ARG A 147 19.93 1.86 15.33
CA ARG A 147 19.28 1.78 14.03
C ARG A 147 19.54 0.48 13.32
N ILE A 148 18.47 -0.18 12.89
CA ILE A 148 18.57 -1.35 12.06
C ILE A 148 17.94 -1.00 10.72
N ILE A 149 18.71 -1.26 9.66
CA ILE A 149 18.27 -0.98 8.30
C ILE A 149 18.31 -2.25 7.48
N THR A 150 17.16 -2.64 6.94
CA THR A 150 17.07 -3.82 6.10
C THR A 150 17.03 -3.43 4.61
N ILE A 151 17.63 -4.25 3.76
CA ILE A 151 17.58 -4.03 2.31
C ILE A 151 16.59 -5.03 1.72
N GLY A 152 15.40 -4.52 1.40
CA GLY A 152 14.41 -5.29 0.70
C GLY A 152 14.47 -5.02 -0.79
N SER A 153 13.31 -4.77 -1.38
CA SER A 153 13.19 -4.60 -2.83
C SER A 153 11.80 -4.06 -3.16
N VAL A 154 11.67 -3.45 -4.35
CA VAL A 154 10.32 -3.25 -4.90
C VAL A 154 9.53 -4.58 -4.92
N ASN A 155 10.26 -5.68 -5.07
CA ASN A 155 9.70 -7.05 -5.00
C ASN A 155 9.16 -7.43 -3.63
N SER A 156 9.38 -6.57 -2.64
CA SER A 156 8.68 -6.74 -1.35
C SER A 156 7.19 -6.39 -1.44
N PHE A 157 6.80 -5.68 -2.51
CA PHE A 157 5.42 -5.24 -2.73
C PHE A 157 4.77 -5.66 -4.04
N MET A 158 5.55 -5.76 -5.11
CA MET A 158 5.06 -6.16 -6.42
C MET A 158 5.99 -7.25 -7.02
N ALA A 159 5.40 -8.22 -7.69
CA ALA A 159 6.16 -9.38 -8.18
C ALA A 159 6.69 -9.25 -9.63
N GLU A 160 7.99 -9.47 -9.78
CA GLU A 160 8.62 -9.75 -11.09
C GLU A 160 8.27 -11.19 -11.52
N PRO A 161 8.35 -11.50 -12.83
CA PRO A 161 8.04 -12.86 -13.26
C PRO A 161 9.18 -13.84 -12.93
N GLU A 162 8.84 -15.11 -12.75
CA GLU A 162 9.82 -16.22 -12.64
C GLU A 162 10.84 -16.05 -11.54
N ALA A 163 10.38 -15.55 -10.40
CA ALA A 163 11.26 -15.38 -9.26
C ALA A 163 10.49 -15.53 -7.93
N ALA A 164 9.56 -16.48 -7.86
CA ALA A 164 8.61 -16.56 -6.75
C ALA A 164 9.27 -16.72 -5.38
N ALA A 165 10.37 -17.47 -5.31
CA ALA A 165 11.06 -17.64 -4.03
C ALA A 165 11.73 -16.37 -3.53
N TYR A 166 12.46 -15.69 -4.42
CA TYR A 166 13.05 -14.39 -4.10
C TYR A 166 11.98 -13.39 -3.68
N VAL A 167 10.91 -13.35 -4.46
CA VAL A 167 9.78 -12.41 -4.21
C VAL A 167 9.15 -12.69 -2.83
N ALA A 168 8.76 -13.94 -2.59
CA ALA A 168 8.19 -14.32 -1.29
C ALA A 168 9.08 -13.91 -0.12
N ALA A 169 10.39 -14.17 -0.24
CA ALA A 169 11.30 -13.86 0.85
C ALA A 169 11.41 -12.36 1.08
N LYS A 170 11.36 -11.58 0.00
CA LYS A 170 11.36 -10.11 0.12
C LYS A 170 10.10 -9.60 0.81
N GLY A 171 8.96 -10.23 0.60
CA GLY A 171 7.76 -9.90 1.38
C GLY A 171 7.95 -10.24 2.86
N GLY A 172 8.64 -11.35 3.14
CA GLY A 172 8.90 -11.75 4.51
C GLY A 172 9.84 -10.78 5.22
N VAL A 173 10.87 -10.33 4.52
CA VAL A 173 11.75 -9.26 5.04
C VAL A 173 10.98 -7.97 5.33
N ALA A 174 10.07 -7.56 4.44
CA ALA A 174 9.32 -6.34 4.63
C ALA A 174 8.52 -6.40 5.95
N MET A 175 7.81 -7.50 6.17
CA MET A 175 6.99 -7.63 7.36
C MET A 175 7.84 -7.90 8.58
N LEU A 176 8.94 -8.66 8.44
CA LEU A 176 9.88 -8.80 9.55
C LEU A 176 10.35 -7.42 10.03
N THR A 177 10.63 -6.52 9.07
CA THR A 177 11.02 -5.19 9.39
C THR A 177 10.02 -4.41 10.24
N ARG A 178 8.75 -4.46 9.83
CA ARG A 178 7.70 -3.81 10.59
C ARG A 178 7.52 -4.42 12.01
N ALA A 179 7.60 -5.75 12.08
CA ALA A 179 7.45 -6.44 13.37
C ALA A 179 8.56 -6.07 14.32
N MET A 180 9.78 -6.01 13.79
CA MET A 180 10.94 -5.54 14.59
C MET A 180 10.81 -4.12 15.06
N ALA A 181 10.33 -3.24 14.19
CA ALA A 181 10.14 -1.86 14.57
C ALA A 181 9.18 -1.76 15.79
N VAL A 182 8.10 -2.51 15.73
CA VAL A 182 7.10 -2.51 16.79
C VAL A 182 7.70 -3.03 18.12
N ASP A 183 8.39 -4.16 18.05
CA ASP A 183 8.93 -4.81 19.25
C ASP A 183 10.14 -4.13 19.84
N LEU A 184 10.95 -3.44 19.02
CA LEU A 184 12.20 -2.83 19.50
C LEU A 184 12.14 -1.33 19.80
N ALA A 185 11.04 -0.69 19.46
CA ALA A 185 10.82 0.71 19.88
C ALA A 185 11.04 0.93 21.39
N ARG A 186 10.53 0.04 22.24
CA ARG A 186 10.73 0.17 23.70
C ARG A 186 12.20 0.03 24.13
N HIS A 187 12.99 -0.65 23.28
CA HIS A 187 14.42 -0.87 23.54
C HIS A 187 15.34 0.14 22.89
N GLY A 188 14.78 1.24 22.39
CA GLY A 188 15.57 2.32 21.86
C GLY A 188 16.15 2.09 20.48
N ILE A 189 15.50 1.27 19.65
CA ILE A 189 16.02 0.90 18.34
C ILE A 189 14.96 1.19 17.26
N LEU A 190 15.34 1.96 16.23
CA LEU A 190 14.46 2.27 15.07
C LEU A 190 14.81 1.33 13.92
N VAL A 191 13.78 0.87 13.21
CA VAL A 191 13.94 -0.19 12.21
C VAL A 191 13.20 0.24 10.93
N ASN A 192 13.91 0.22 9.81
CA ASN A 192 13.34 0.65 8.52
C ASN A 192 13.93 -0.16 7.37
N MET A 193 13.20 -0.17 6.24
CA MET A 193 13.61 -0.90 5.07
C MET A 193 13.92 0.10 3.93
N ILE A 194 14.92 -0.25 3.12
CA ILE A 194 15.19 0.44 1.84
C ILE A 194 14.73 -0.50 0.74
N ALA A 195 13.91 -0.01 -0.21
CA ALA A 195 13.34 -0.88 -1.26
C ALA A 195 13.88 -0.39 -2.62
N PRO A 196 15.05 -0.90 -3.08
CA PRO A 196 15.50 -0.46 -4.43
C PRO A 196 14.77 -1.11 -5.58
N GLY A 197 14.66 -0.38 -6.68
CA GLY A 197 14.25 -0.94 -7.94
C GLY A 197 15.47 -1.50 -8.66
N PRO A 198 15.47 -1.43 -10.00
CA PRO A 198 16.61 -1.94 -10.73
C PRO A 198 17.87 -1.12 -10.42
N VAL A 199 18.95 -1.83 -10.06
CA VAL A 199 20.21 -1.19 -9.72
C VAL A 199 21.34 -1.89 -10.52
N ASP A 200 22.15 -1.12 -11.24
CA ASP A 200 23.28 -1.64 -12.01
C ASP A 200 24.47 -1.76 -11.04
N VAL A 201 24.87 -2.98 -10.75
CA VAL A 201 26.03 -3.26 -9.86
C VAL A 201 27.33 -3.61 -10.63
N THR A 202 27.24 -3.69 -11.96
CA THR A 202 28.37 -4.17 -12.80
C THR A 202 29.58 -3.23 -12.75
N GLY A 203 29.31 -1.93 -12.57
CA GLY A 203 30.35 -0.91 -12.60
C GLY A 203 30.69 -0.38 -13.98
N ASN A 204 30.17 -1.01 -15.03
CA ASN A 204 30.48 -0.60 -16.42
C ASN A 204 29.23 -0.50 -17.31
N ASN A 205 28.13 -0.01 -16.73
CA ASN A 205 26.90 0.28 -17.48
C ASN A 205 26.33 -0.89 -18.28
N THR A 206 26.67 -2.15 -17.92
CA THR A 206 26.22 -3.33 -18.68
C THR A 206 25.09 -4.08 -18.00
N GLY A 207 24.73 -3.68 -16.79
CA GLY A 207 23.52 -4.17 -16.18
C GLY A 207 22.34 -3.63 -16.99
N TYR A 208 21.38 -4.49 -17.26
CA TYR A 208 20.14 -4.12 -17.96
C TYR A 208 20.36 -3.76 -19.43
N SER A 209 21.37 -4.38 -20.05
CA SER A 209 21.74 -4.07 -21.43
C SER A 209 21.12 -5.02 -22.45
N GLU A 210 20.66 -6.19 -22.01
CA GLU A 210 19.90 -7.09 -22.87
C GLU A 210 18.77 -6.26 -23.51
N PRO A 211 18.57 -6.39 -24.84
CA PRO A 211 17.74 -5.40 -25.57
C PRO A 211 16.29 -5.29 -25.10
N ARG A 212 15.65 -6.43 -24.87
CA ARG A 212 14.25 -6.50 -24.44
C ARG A 212 14.17 -5.91 -23.03
N LEU A 213 15.13 -6.28 -22.20
CA LEU A 213 15.22 -5.76 -20.84
C LEU A 213 15.45 -4.24 -20.82
N ALA A 214 16.37 -3.77 -21.66
CA ALA A 214 16.59 -2.32 -21.77
C ALA A 214 15.29 -1.56 -22.16
N GLU A 215 14.54 -2.11 -23.11
CA GLU A 215 13.27 -1.51 -23.57
C GLU A 215 12.27 -1.44 -22.39
N GLN A 216 12.25 -2.50 -21.58
CA GLN A 216 11.33 -2.56 -20.44
C GLN A 216 11.70 -1.64 -19.32
N VAL A 217 12.99 -1.39 -19.10
CA VAL A 217 13.41 -0.40 -18.16
C VAL A 217 12.95 1.00 -18.62
N LEU A 218 13.08 1.29 -19.91
CA LEU A 218 12.65 2.55 -20.46
C LEU A 218 11.13 2.74 -20.27
N ASP A 219 10.36 1.67 -20.43
CA ASP A 219 8.92 1.72 -20.28
C ASP A 219 8.51 1.91 -18.82
N GLU A 220 9.11 1.10 -17.92
CA GLU A 220 8.60 0.94 -16.54
C GLU A 220 9.21 1.86 -15.50
N VAL A 221 10.42 2.36 -15.73
CA VAL A 221 11.05 3.29 -14.82
C VAL A 221 10.87 4.71 -15.39
N ALA A 222 10.29 5.63 -14.62
CA ALA A 222 10.02 6.99 -15.11
C ALA A 222 11.30 7.72 -15.48
N LEU A 223 12.36 7.51 -14.70
CA LEU A 223 13.69 8.05 -15.02
C LEU A 223 14.41 7.33 -16.19
N GLY A 224 13.88 6.19 -16.63
CA GLY A 224 14.34 5.52 -17.84
C GLY A 224 15.71 4.88 -17.80
N ARG A 225 16.13 4.43 -16.62
CA ARG A 225 17.49 3.88 -16.44
C ARG A 225 17.52 3.12 -15.12
N PRO A 226 18.48 2.20 -14.98
CA PRO A 226 18.72 1.61 -13.64
C PRO A 226 19.40 2.60 -12.70
N GLY A 227 19.30 2.35 -11.39
CA GLY A 227 19.98 3.17 -10.41
C GLY A 227 21.41 2.70 -10.22
N LEU A 228 22.22 3.51 -9.56
CA LEU A 228 23.57 3.10 -9.16
C LEU A 228 23.57 2.79 -7.66
N PRO A 229 24.46 1.88 -7.20
CA PRO A 229 24.52 1.53 -5.77
C PRO A 229 24.60 2.73 -4.84
N GLU A 230 25.35 3.76 -5.25
CA GLU A 230 25.50 4.96 -4.48
C GLU A 230 24.19 5.73 -4.25
N GLU A 231 23.28 5.63 -5.20
CA GLU A 231 21.95 6.26 -5.08
C GLU A 231 21.06 5.52 -4.07
N VAL A 232 21.42 4.28 -3.74
CA VAL A 232 20.79 3.54 -2.64
C VAL A 232 21.48 3.81 -1.31
N ALA A 233 22.82 3.79 -1.30
CA ALA A 233 23.59 4.02 -0.05
C ALA A 233 23.25 5.32 0.66
N THR A 234 22.90 6.35 -0.10
CA THR A 234 22.55 7.62 0.54
C THR A 234 21.37 7.52 1.54
N ALA A 235 20.40 6.66 1.26
CA ALA A 235 19.27 6.40 2.16
C ALA A 235 19.70 5.72 3.46
N ALA A 236 20.69 4.85 3.34
CA ALA A 236 21.29 4.17 4.50
C ALA A 236 21.97 5.16 5.43
N VAL A 237 22.60 6.20 4.87
CA VAL A 237 23.10 7.30 5.71
C VAL A 237 21.96 8.04 6.40
N PHE A 238 20.94 8.41 5.63
CA PHE A 238 19.82 9.16 6.15
C PHE A 238 19.15 8.43 7.33
N LEU A 239 18.92 7.13 7.17
CA LEU A 239 18.17 6.36 8.18
C LEU A 239 19.02 6.02 9.42
N ALA A 240 20.34 6.21 9.33
CA ALA A 240 21.24 5.95 10.44
C ALA A 240 21.58 7.19 11.27
N GLU A 241 21.30 8.39 10.74
CA GLU A 241 21.75 9.62 11.41
C GLU A 241 20.77 10.10 12.48
N ASP A 242 21.28 10.91 13.41
CA ASP A 242 20.52 11.34 14.59
C ASP A 242 19.18 12.02 14.24
N GLY A 243 19.15 12.80 13.17
CA GLY A 243 17.95 13.55 12.81
C GLY A 243 16.75 12.67 12.41
N SER A 244 17.00 11.41 12.05
CA SER A 244 15.91 10.48 11.65
C SER A 244 15.21 9.80 12.84
N SER A 245 15.07 10.54 13.94
CA SER A 245 14.67 9.98 15.23
C SER A 245 13.18 9.65 15.37
N PHE A 246 12.35 10.07 14.41
CA PHE A 246 10.90 9.70 14.44
C PHE A 246 10.49 8.78 13.31
N ILE A 247 11.46 8.20 12.63
CA ILE A 247 11.22 7.33 11.49
C ILE A 247 11.46 5.87 11.87
N THR A 248 10.39 5.09 11.92
CA THR A 248 10.51 3.64 12.19
C THR A 248 9.30 2.92 11.61
N GLY A 249 9.54 1.67 11.24
CA GLY A 249 8.57 0.81 10.59
C GLY A 249 8.29 1.18 9.11
N SER A 250 9.08 2.08 8.53
CA SER A 250 8.81 2.61 7.18
C SER A 250 9.77 2.03 6.13
N THR A 251 9.43 2.33 4.87
CA THR A 251 10.20 1.92 3.73
C THR A 251 10.59 3.17 2.92
N ILE A 252 11.86 3.27 2.54
CA ILE A 252 12.29 4.30 1.55
C ILE A 252 12.45 3.59 0.21
N THR A 253 11.64 3.97 -0.78
CA THR A 253 11.68 3.31 -2.07
C THR A 253 12.58 4.15 -3.01
N ILE A 254 13.50 3.47 -3.69
CA ILE A 254 14.53 4.07 -4.55
C ILE A 254 14.53 3.33 -5.87
N ASP A 255 13.59 3.72 -6.75
CA ASP A 255 13.30 2.97 -7.94
C ASP A 255 13.02 3.76 -9.20
N GLY A 256 13.36 5.04 -9.20
CA GLY A 256 13.21 5.88 -10.42
C GLY A 256 11.76 6.05 -10.85
N GLY A 257 10.83 5.80 -9.93
CA GLY A 257 9.38 5.92 -10.22
C GLY A 257 8.71 4.62 -10.62
N LEU A 258 9.44 3.51 -10.63
CA LEU A 258 8.87 2.23 -11.04
C LEU A 258 7.56 1.89 -10.32
N SER A 259 7.53 1.97 -9.00
CA SER A 259 6.34 1.55 -8.26
C SER A 259 5.21 2.60 -8.28
N ALA A 260 5.50 3.80 -8.76
CA ALA A 260 4.53 4.91 -8.81
C ALA A 260 3.70 4.96 -10.11
N MET A 261 4.13 4.24 -11.14
CA MET A 261 3.66 4.45 -12.53
C MET A 261 3.00 3.21 -13.11
N ILE A 262 1.94 3.38 -13.90
CA ILE A 262 1.40 2.31 -14.72
C ILE A 262 1.31 2.83 -16.19
N PHE A 263 1.41 1.91 -17.13
CA PHE A 263 1.41 2.22 -18.56
C PHE A 263 2.44 3.27 -18.94
N GLY A 264 3.61 3.19 -18.29
CA GLY A 264 4.73 4.04 -18.57
C GLY A 264 5.18 4.01 -20.04
N GLY A 265 4.95 2.91 -20.74
CA GLY A 265 5.32 2.85 -22.16
C GLY A 265 4.51 3.76 -23.07
N MET A 266 3.41 4.29 -22.53
CA MET A 266 2.56 5.18 -23.29
C MET A 266 2.89 6.68 -23.13
N ARG A 267 3.86 7.01 -22.30
CA ARG A 267 4.12 8.38 -21.96
C ARG A 267 4.86 9.11 -23.10
N GLU A 268 4.72 10.41 -23.11
CA GLU A 268 5.43 11.29 -24.04
C GLU A 268 6.91 11.08 -23.96
N GLY A 269 7.56 10.85 -25.11
CA GLY A 269 8.99 10.51 -25.12
C GLY A 269 9.23 9.04 -25.32
N ARG A 270 8.24 8.20 -24.97
CA ARG A 270 8.33 6.75 -25.16
C ARG A 270 7.52 6.21 -26.32
N ARG A 271 6.27 6.63 -26.43
CA ARG A 271 5.38 6.11 -27.47
C ARG A 271 5.73 6.66 -28.87
N PRO B 10 30.77 22.37 3.27
CA PRO B 10 30.14 23.12 2.19
C PRO B 10 28.65 23.40 2.43
N GLY B 11 27.92 22.41 2.96
CA GLY B 11 26.44 22.44 3.10
C GLY B 11 25.79 21.57 2.03
N ARG B 12 24.91 20.68 2.45
CA ARG B 12 24.29 19.69 1.53
C ARG B 12 23.43 20.33 0.42
N LEU B 13 22.87 21.50 0.68
CA LEU B 13 22.06 22.27 -0.30
C LEU B 13 22.74 23.57 -0.81
N ALA B 14 24.06 23.63 -0.70
CA ALA B 14 24.84 24.85 -0.99
C ALA B 14 24.56 25.43 -2.38
N GLY B 15 24.03 26.64 -2.43
CA GLY B 15 23.83 27.37 -3.68
C GLY B 15 22.56 27.04 -4.44
N LYS B 16 21.66 26.26 -3.83
CA LYS B 16 20.37 25.95 -4.45
C LYS B 16 19.35 26.98 -4.04
N ALA B 17 18.44 27.27 -4.97
CA ALA B 17 17.32 28.19 -4.74
C ALA B 17 16.11 27.37 -4.36
N ALA B 18 15.47 27.73 -3.26
CA ALA B 18 14.32 26.98 -2.74
C ALA B 18 13.19 27.90 -2.36
N ILE B 19 11.98 27.45 -2.64
CA ILE B 19 10.76 28.05 -2.16
C ILE B 19 10.09 27.06 -1.18
N VAL B 20 9.76 27.55 0.01
CA VAL B 20 8.99 26.79 1.01
C VAL B 20 7.67 27.52 1.29
N THR B 21 6.56 26.88 0.90
CA THR B 21 5.22 27.39 1.25
C THR B 21 4.79 26.89 2.62
N GLY B 22 3.73 27.51 3.17
CA GLY B 22 3.34 27.28 4.56
C GLY B 22 4.46 27.54 5.55
N ALA B 23 5.26 28.57 5.27
CA ALA B 23 6.58 28.77 5.91
C ALA B 23 6.51 29.38 7.32
N ALA B 24 5.34 29.86 7.72
CA ALA B 24 5.08 30.30 9.09
C ALA B 24 4.53 29.16 9.98
N GLY B 25 4.12 28.05 9.36
CA GLY B 25 3.66 26.87 10.12
C GLY B 25 4.80 26.01 10.66
N GLY B 26 4.49 25.15 11.63
CA GLY B 26 5.49 24.24 12.22
C GLY B 26 6.48 23.58 11.27
N ILE B 27 5.99 22.70 10.40
CA ILE B 27 6.90 21.97 9.52
C ILE B 27 7.58 22.93 8.49
N GLY B 28 6.80 23.84 7.94
CA GLY B 28 7.36 24.84 6.99
C GLY B 28 8.47 25.66 7.63
N ARG B 29 8.23 26.18 8.83
CA ARG B 29 9.26 26.95 9.53
C ARG B 29 10.51 26.10 9.73
N ALA B 30 10.36 24.88 10.25
CA ALA B 30 11.52 23.99 10.44
C ALA B 30 12.27 23.67 9.15
N THR B 31 11.54 23.59 8.05
CA THR B 31 12.12 23.38 6.72
C THR B 31 12.96 24.61 6.26
N VAL B 32 12.40 25.79 6.38
CA VAL B 32 13.15 27.04 6.10
C VAL B 32 14.49 27.04 6.85
N GLU B 33 14.44 26.78 8.17
CA GLU B 33 15.63 26.76 9.02
C GLU B 33 16.66 25.73 8.59
N ALA B 34 16.22 24.49 8.35
CA ALA B 34 17.12 23.43 7.90
C ALA B 34 17.77 23.75 6.53
N TYR B 35 16.96 24.27 5.62
CA TYR B 35 17.41 24.66 4.31
C TYR B 35 18.49 25.79 4.41
N LEU B 36 18.22 26.79 5.23
CA LEU B 36 19.21 27.87 5.44
C LEU B 36 20.52 27.33 6.04
N ARG B 37 20.44 26.46 7.04
CA ARG B 37 21.63 25.84 7.64
C ARG B 37 22.44 24.99 6.67
N GLU B 38 21.77 24.40 5.67
CA GLU B 38 22.44 23.57 4.69
C GLU B 38 22.89 24.34 3.44
N GLY B 39 22.73 25.67 3.45
CA GLY B 39 23.38 26.56 2.46
C GLY B 39 22.49 27.06 1.33
N ALA B 40 21.19 26.84 1.44
CA ALA B 40 20.28 27.26 0.39
C ALA B 40 19.88 28.71 0.52
N SER B 41 19.51 29.31 -0.61
CA SER B 41 18.82 30.58 -0.63
C SER B 41 17.34 30.28 -0.60
N VAL B 42 16.60 30.86 0.36
CA VAL B 42 15.26 30.41 0.63
C VAL B 42 14.24 31.52 0.65
N VAL B 43 13.20 31.35 -0.15
CA VAL B 43 11.99 32.15 0.00
C VAL B 43 11.01 31.43 0.92
N ALA B 44 10.59 32.13 1.97
CA ALA B 44 9.54 31.69 2.87
C ALA B 44 8.20 32.34 2.49
N MET B 45 7.25 31.53 2.02
CA MET B 45 5.92 32.00 1.62
C MET B 45 4.84 31.54 2.58
N ASP B 46 4.02 32.50 3.01
CA ASP B 46 2.82 32.24 3.79
C ASP B 46 1.94 33.49 3.79
N LEU B 47 0.83 33.44 4.51
CA LEU B 47 -0.05 34.62 4.66
C LEU B 47 0.74 35.77 5.28
N ALA B 48 0.51 36.99 4.80
CA ALA B 48 1.25 38.18 5.26
C ALA B 48 1.23 38.34 6.78
N PRO B 49 0.02 38.27 7.40
CA PRO B 49 -0.02 38.41 8.86
C PRO B 49 0.74 37.31 9.61
N ARG B 50 0.74 36.09 9.07
CA ARG B 50 1.48 34.99 9.71
C ARG B 50 2.99 35.19 9.57
N LEU B 51 3.45 35.58 8.38
CA LEU B 51 4.88 35.93 8.19
C LEU B 51 5.29 37.10 9.10
N ALA B 52 4.42 38.09 9.24
CA ALA B 52 4.65 39.20 10.17
C ALA B 52 4.98 38.71 11.59
N ALA B 53 4.29 37.65 12.04
CA ALA B 53 4.41 37.14 13.42
C ALA B 53 5.39 35.95 13.60
N THR B 54 6.26 35.71 12.62
CA THR B 54 7.24 34.62 12.72
C THR B 54 8.67 35.16 12.80
N ARG B 55 9.49 34.57 13.66
CA ARG B 55 10.93 34.76 13.63
C ARG B 55 11.58 33.42 13.31
N TYR B 56 12.55 33.42 12.40
CA TYR B 56 13.30 32.22 12.06
C TYR B 56 14.57 32.15 12.91
N GLU B 57 14.92 30.93 13.34
CA GLU B 57 16.12 30.74 14.14
C GLU B 57 17.40 30.94 13.31
N GLU B 58 17.26 30.93 11.99
CA GLU B 58 18.38 31.12 11.07
C GLU B 58 18.12 32.33 10.17
N PRO B 59 19.16 33.12 9.87
CA PRO B 59 18.99 34.32 9.05
C PRO B 59 19.13 34.06 7.55
N GLY B 60 18.47 34.88 6.75
CA GLY B 60 18.62 34.80 5.29
C GLY B 60 17.32 34.54 4.55
N ALA B 61 16.24 34.21 5.29
CA ALA B 61 14.94 33.94 4.68
C ALA B 61 14.40 35.17 3.97
N ILE B 62 13.89 34.99 2.75
CA ILE B 62 13.23 36.06 1.99
C ILE B 62 11.71 35.87 2.12
N PRO B 63 11.06 36.74 2.89
CA PRO B 63 9.61 36.65 3.10
C PRO B 63 8.85 37.08 1.84
N ILE B 64 7.90 36.26 1.41
CA ILE B 64 7.00 36.63 0.31
C ILE B 64 5.56 36.23 0.64
N ALA B 65 4.70 37.23 0.80
CA ALA B 65 3.30 37.02 1.16
C ALA B 65 2.54 36.34 0.04
N CYS B 66 1.65 35.42 0.40
CA CYS B 66 0.78 34.77 -0.57
C CYS B 66 -0.50 34.26 0.09
N ASP B 67 -1.45 33.86 -0.75
CA ASP B 67 -2.78 33.44 -0.30
C ASP B 67 -3.22 32.15 -1.02
N LEU B 68 -3.10 31.01 -0.35
CA LEU B 68 -3.58 29.73 -0.91
C LEU B 68 -5.11 29.68 -0.90
N ARG B 71 -5.37 32.09 -6.75
CA ARG B 71 -4.78 31.67 -8.03
C ARG B 71 -3.91 32.77 -8.69
N ALA B 72 -4.49 33.97 -8.85
CA ALA B 72 -3.67 35.12 -9.25
C ALA B 72 -2.63 35.42 -8.16
N ALA B 73 -3.03 35.28 -6.89
CA ALA B 73 -2.11 35.48 -5.76
C ALA B 73 -0.94 34.53 -5.82
N ILE B 74 -1.22 33.26 -6.13
CA ILE B 74 -0.16 32.25 -6.18
C ILE B 74 0.79 32.53 -7.36
N ASP B 75 0.25 32.84 -8.53
CA ASP B 75 1.13 33.11 -9.68
C ASP B 75 2.01 34.34 -9.43
N ALA B 76 1.41 35.37 -8.84
CA ALA B 76 2.16 36.60 -8.51
C ALA B 76 3.29 36.32 -7.54
N ALA B 77 2.95 35.68 -6.42
CA ALA B 77 3.96 35.34 -5.40
C ALA B 77 5.08 34.47 -5.98
N MET B 78 4.71 33.46 -6.77
CA MET B 78 5.72 32.56 -7.34
C MET B 78 6.65 33.29 -8.33
N ALA B 79 6.10 34.12 -9.22
CA ALA B 79 6.95 34.93 -10.13
C ALA B 79 7.86 35.85 -9.34
N ASP B 80 7.29 36.51 -8.34
CA ASP B 80 8.03 37.36 -7.41
C ASP B 80 9.19 36.59 -6.82
N ALA B 81 8.88 35.43 -6.23
CA ALA B 81 9.89 34.56 -5.60
C ALA B 81 11.01 34.12 -6.52
N VAL B 82 10.66 33.69 -7.73
CA VAL B 82 11.66 33.21 -8.69
C VAL B 82 12.54 34.39 -9.17
N ALA B 83 11.92 35.54 -9.39
CA ALA B 83 12.64 36.78 -9.70
C ALA B 83 13.74 37.03 -8.65
N ARG B 84 13.36 37.03 -7.37
CA ARG B 84 14.33 37.29 -6.27
C ARG B 84 15.43 36.23 -6.10
N LEU B 85 15.12 34.97 -6.37
CA LEU B 85 16.13 33.91 -6.28
C LEU B 85 17.00 33.78 -7.54
N GLY B 86 16.51 34.25 -8.69
CA GLY B 86 17.20 34.12 -9.97
C GLY B 86 17.20 32.71 -10.54
N GLY B 87 16.18 31.92 -10.18
CA GLY B 87 16.11 30.51 -10.53
C GLY B 87 15.18 29.78 -9.59
N LEU B 88 15.08 28.47 -9.72
CA LEU B 88 14.33 27.66 -8.73
C LEU B 88 14.78 26.25 -8.85
N ASP B 89 15.30 25.69 -7.77
CA ASP B 89 15.83 24.33 -7.76
C ASP B 89 14.99 23.37 -6.92
N ILE B 90 14.33 23.90 -5.89
CA ILE B 90 13.59 23.09 -4.89
C ILE B 90 12.32 23.82 -4.55
N LEU B 91 11.19 23.12 -4.59
CA LEU B 91 9.94 23.63 -4.10
C LEU B 91 9.40 22.66 -3.02
N VAL B 92 9.07 23.21 -1.86
CA VAL B 92 8.39 22.45 -0.78
C VAL B 92 7.01 23.04 -0.62
N ALA B 93 5.99 22.26 -1.02
CA ALA B 93 4.61 22.74 -0.96
C ALA B 93 3.98 22.32 0.37
N GLY B 94 4.14 23.17 1.37
CA GLY B 94 3.71 22.90 2.75
C GLY B 94 2.47 23.65 3.21
N GLY B 95 1.96 24.55 2.37
CA GLY B 95 0.74 25.29 2.72
C GLY B 95 -0.37 24.28 2.85
N ALA B 96 -1.12 24.35 3.94
CA ALA B 96 -2.14 23.36 4.22
C ALA B 96 -3.03 23.74 5.41
N LEU B 97 -4.33 23.47 5.28
CA LEU B 97 -5.27 23.57 6.39
C LEU B 97 -5.38 22.18 7.03
N LYS B 98 -5.19 22.11 8.36
CA LYS B 98 -5.30 20.84 9.08
C LYS B 98 -6.35 21.00 10.16
N GLY B 99 -7.38 20.17 10.09
CA GLY B 99 -8.48 20.29 11.04
C GLY B 99 -9.59 19.32 10.73
N GLY B 100 -10.38 19.01 11.75
CA GLY B 100 -11.54 18.14 11.61
C GLY B 100 -12.81 18.98 11.67
N THR B 101 -13.89 18.40 11.20
CA THR B 101 -15.14 19.11 11.04
C THR B 101 -16.26 18.51 11.90
N GLY B 102 -16.28 17.20 12.03
CA GLY B 102 -17.42 16.49 12.58
C GLY B 102 -17.69 15.26 11.71
N ASN B 103 -18.81 14.61 11.93
CA ASN B 103 -19.12 13.38 11.21
C ASN B 103 -19.44 13.68 9.74
N PHE B 104 -19.17 12.70 8.88
CA PHE B 104 -19.38 12.84 7.46
C PHE B 104 -20.83 13.22 7.13
N LEU B 105 -21.78 12.64 7.84
CA LEU B 105 -23.20 12.93 7.64
C LEU B 105 -23.54 14.44 7.69
N ASP B 106 -22.77 15.19 8.47
CA ASP B 106 -23.02 16.62 8.72
C ASP B 106 -22.05 17.56 8.05
N LEU B 107 -21.14 17.02 7.22
CA LEU B 107 -20.11 17.82 6.59
C LEU B 107 -20.73 18.77 5.54
N SER B 108 -20.48 20.05 5.71
CA SER B 108 -21.10 21.05 4.82
C SER B 108 -20.33 21.21 3.49
N ASP B 109 -21.00 21.75 2.49
CA ASP B 109 -20.35 22.06 1.20
C ASP B 109 -19.22 23.03 1.42
N ALA B 110 -19.43 24.01 2.31
CA ALA B 110 -18.39 25.02 2.60
C ALA B 110 -17.10 24.44 3.18
N ASP B 111 -17.21 23.47 4.10
CA ASP B 111 -15.99 22.84 4.68
C ASP B 111 -15.31 21.94 3.63
N TRP B 112 -16.10 21.14 2.93
CA TRP B 112 -15.57 20.36 1.79
C TRP B 112 -14.77 21.25 0.82
N ASP B 113 -15.42 22.32 0.31
CA ASP B 113 -14.76 23.23 -0.61
C ASP B 113 -13.49 23.85 -0.08
N ARG B 114 -13.45 24.21 1.20
CA ARG B 114 -12.27 24.88 1.76
C ARG B 114 -11.05 23.94 1.80
N TYR B 115 -11.26 22.73 2.28
CA TYR B 115 -10.15 21.78 2.36
C TYR B 115 -9.70 21.36 0.96
N VAL B 116 -10.64 21.09 0.06
CA VAL B 116 -10.28 20.66 -1.28
C VAL B 116 -9.59 21.82 -2.01
N ASP B 117 -10.19 23.02 -1.96
CA ASP B 117 -9.57 24.20 -2.59
C ASP B 117 -8.18 24.55 -2.06
N VAL B 118 -8.03 24.58 -0.72
CA VAL B 118 -6.78 25.01 -0.16
C VAL B 118 -5.68 23.95 -0.24
N ASN B 119 -5.97 22.76 0.26
CA ASN B 119 -4.97 21.67 0.33
C ASN B 119 -4.64 21.05 -1.06
N MET B 120 -5.67 20.78 -1.85
CA MET B 120 -5.48 20.03 -3.11
C MET B 120 -5.23 20.98 -4.28
N THR B 121 -6.18 21.88 -4.53
CA THR B 121 -6.05 22.80 -5.66
C THR B 121 -4.91 23.75 -5.42
N GLY B 122 -4.70 24.17 -4.17
CA GLY B 122 -3.60 25.07 -3.85
C GLY B 122 -2.26 24.43 -4.12
N THR B 123 -2.14 23.14 -3.79
CA THR B 123 -0.92 22.39 -4.02
C THR B 123 -0.73 22.21 -5.52
N PHE B 124 -1.80 21.92 -6.24
CA PHE B 124 -1.74 21.82 -7.70
C PHE B 124 -1.20 23.12 -8.34
N LEU B 125 -1.73 24.27 -7.91
CA LEU B 125 -1.42 25.56 -8.52
C LEU B 125 0.01 26.00 -8.23
N THR B 126 0.46 25.75 -7.01
CA THR B 126 1.82 26.05 -6.57
C THR B 126 2.82 25.20 -7.33
N CYS B 127 2.52 23.89 -7.44
CA CYS B 127 3.44 22.96 -8.07
C CYS B 127 3.57 23.14 -9.61
N ARG B 128 2.45 23.44 -10.27
CA ARG B 128 2.45 23.72 -11.70
C ARG B 128 3.27 24.99 -11.98
N ALA B 129 3.06 26.01 -11.16
CA ALA B 129 3.83 27.28 -11.33
C ALA B 129 5.31 27.02 -11.07
N GLY B 130 5.61 26.24 -10.02
CA GLY B 130 6.99 25.88 -9.71
C GLY B 130 7.69 25.01 -10.77
N ALA B 131 7.01 23.98 -11.24
CA ALA B 131 7.55 23.11 -12.26
C ALA B 131 7.86 23.92 -13.54
N ARG B 132 6.93 24.82 -13.88
CA ARG B 132 7.10 25.69 -15.07
C ARG B 132 8.34 26.58 -14.93
N ALA B 133 8.53 27.16 -13.75
CA ALA B 133 9.73 27.97 -13.46
C ALA B 133 11.03 27.17 -13.42
N MET B 134 10.97 25.92 -12.96
CA MET B 134 12.14 25.04 -12.95
C MET B 134 12.57 24.70 -14.37
N VAL B 135 11.60 24.44 -15.25
CA VAL B 135 11.91 24.13 -16.66
C VAL B 135 12.43 25.40 -17.38
N ALA B 136 11.79 26.53 -17.13
CA ALA B 136 12.27 27.81 -17.71
C ALA B 136 13.71 28.10 -17.27
N ALA B 137 14.05 27.76 -16.02
CA ALA B 137 15.41 27.95 -15.48
C ALA B 137 16.44 26.88 -15.84
N GLY B 138 16.04 25.84 -16.58
CA GLY B 138 17.00 24.86 -17.13
C GLY B 138 17.24 23.59 -16.32
N ALA B 139 16.20 23.10 -15.66
CA ALA B 139 16.30 21.88 -14.87
C ALA B 139 16.85 20.70 -15.68
N GLY B 140 17.78 19.95 -15.07
CA GLY B 140 18.22 18.66 -15.59
C GLY B 140 19.44 18.83 -16.50
N ARG B 144 21.86 17.30 -12.97
CA ARG B 144 21.21 17.48 -11.68
C ARG B 144 19.73 17.83 -11.85
N SER B 145 18.88 17.12 -11.13
CA SER B 145 17.42 17.32 -11.22
C SER B 145 16.93 18.36 -10.21
N ALA B 146 15.95 19.17 -10.65
CA ALA B 146 15.15 19.97 -9.75
C ALA B 146 14.26 19.03 -8.90
N ARG B 147 13.71 19.57 -7.81
CA ARG B 147 13.02 18.76 -6.82
C ARG B 147 11.75 19.42 -6.33
N ILE B 148 10.64 18.67 -6.38
CA ILE B 148 9.40 19.14 -5.80
C ILE B 148 9.10 18.16 -4.67
N ILE B 149 8.81 18.73 -3.50
CA ILE B 149 8.48 17.95 -2.30
C ILE B 149 7.09 18.41 -1.80
N THR B 150 6.17 17.46 -1.72
CA THR B 150 4.86 17.75 -1.20
C THR B 150 4.73 17.24 0.27
N ILE B 151 3.97 17.95 1.10
CA ILE B 151 3.71 17.53 2.47
C ILE B 151 2.30 16.99 2.52
N GLY B 152 2.21 15.67 2.59
CA GLY B 152 0.94 15.02 2.79
C GLY B 152 0.76 14.66 4.26
N SER B 153 0.37 13.42 4.49
CA SER B 153 0.02 12.96 5.83
C SER B 153 -0.13 11.45 5.83
N VAL B 154 -0.01 10.83 7.01
CA VAL B 154 -0.48 9.45 7.15
C VAL B 154 -1.95 9.33 6.69
N ASN B 155 -2.70 10.42 6.85
CA ASN B 155 -4.09 10.52 6.32
C ASN B 155 -4.21 10.51 4.80
N SER B 156 -3.07 10.54 4.09
CA SER B 156 -3.09 10.21 2.65
C SER B 156 -3.40 8.74 2.35
N PHE B 157 -3.27 7.85 3.37
CA PHE B 157 -3.42 6.46 3.23
C PHE B 157 -4.43 5.82 4.20
N MET B 158 -4.53 6.34 5.41
CA MET B 158 -5.47 5.82 6.43
C MET B 158 -6.25 6.99 7.05
N ALA B 159 -7.53 6.78 7.27
CA ALA B 159 -8.42 7.86 7.74
C ALA B 159 -8.56 7.98 9.28
N GLU B 160 -8.33 9.20 9.78
CA GLU B 160 -8.73 9.59 11.13
C GLU B 160 -10.25 9.85 11.14
N PRO B 161 -10.90 9.76 12.31
CA PRO B 161 -12.32 10.05 12.35
C PRO B 161 -12.67 11.55 12.20
N GLU B 162 -13.84 11.83 11.66
CA GLU B 162 -14.42 13.20 11.69
C GLU B 162 -13.58 14.25 11.00
N ALA B 163 -12.96 13.85 9.90
CA ALA B 163 -12.13 14.78 9.12
C ALA B 163 -12.15 14.41 7.61
N ALA B 164 -13.31 14.01 7.09
CA ALA B 164 -13.40 13.42 5.75
C ALA B 164 -12.86 14.34 4.65
N ALA B 165 -13.07 15.64 4.78
CA ALA B 165 -12.59 16.58 3.76
C ALA B 165 -11.09 16.72 3.74
N TYR B 166 -10.50 16.86 4.93
CA TYR B 166 -9.06 16.88 5.07
C TYR B 166 -8.44 15.59 4.55
N VAL B 167 -9.02 14.46 4.97
CA VAL B 167 -8.55 13.13 4.55
C VAL B 167 -8.61 12.95 3.02
N ALA B 168 -9.78 13.21 2.42
CA ALA B 168 -9.92 13.11 0.96
C ALA B 168 -8.88 13.96 0.21
N ALA B 169 -8.63 15.18 0.70
CA ALA B 169 -7.73 16.08 0.03
C ALA B 169 -6.31 15.55 0.14
N LYS B 170 -6.00 14.92 1.27
CA LYS B 170 -4.66 14.32 1.43
C LYS B 170 -4.45 13.14 0.49
N GLY B 171 -5.48 12.36 0.23
CA GLY B 171 -5.42 11.34 -0.81
C GLY B 171 -5.18 11.94 -2.20
N GLY B 172 -5.84 13.04 -2.48
CA GLY B 172 -5.65 13.75 -3.74
C GLY B 172 -4.23 14.24 -3.91
N VAL B 173 -3.66 14.82 -2.84
CA VAL B 173 -2.24 15.25 -2.86
C VAL B 173 -1.28 14.09 -3.09
N ALA B 174 -1.53 12.93 -2.46
CA ALA B 174 -0.66 11.76 -2.65
C ALA B 174 -0.64 11.34 -4.12
N MET B 175 -1.82 11.26 -4.76
CA MET B 175 -1.89 10.83 -6.15
C MET B 175 -1.46 11.93 -7.09
N LEU B 176 -1.72 13.19 -6.75
CA LEU B 176 -1.15 14.31 -7.56
C LEU B 176 0.37 14.20 -7.60
N THR B 177 0.96 13.84 -6.45
CA THR B 177 2.41 13.67 -6.36
C THR B 177 2.95 12.61 -7.30
N ARG B 178 2.32 11.44 -7.30
CA ARG B 178 2.73 10.37 -8.22
C ARG B 178 2.56 10.77 -9.70
N ALA B 179 1.44 11.40 -10.02
CA ALA B 179 1.18 11.86 -11.39
C ALA B 179 2.22 12.89 -11.85
N MET B 180 2.58 13.81 -10.98
CA MET B 180 3.61 14.80 -11.31
CA MET B 180 3.62 14.82 -11.27
C MET B 180 4.97 14.14 -11.49
N ALA B 181 5.26 13.13 -10.68
CA ALA B 181 6.53 12.40 -10.82
C ALA B 181 6.66 11.76 -12.20
N VAL B 182 5.57 11.13 -12.67
CA VAL B 182 5.54 10.47 -13.93
C VAL B 182 5.71 11.50 -15.09
N ASP B 183 4.94 12.59 -15.03
CA ASP B 183 4.94 13.59 -16.13
C ASP B 183 6.19 14.47 -16.17
N LEU B 184 6.84 14.71 -15.03
CA LEU B 184 7.98 15.65 -14.97
C LEU B 184 9.36 14.99 -14.97
N ALA B 185 9.42 13.67 -14.88
CA ALA B 185 10.68 12.93 -15.04
C ALA B 185 11.42 13.34 -16.34
N ARG B 186 10.72 13.43 -17.47
CA ARG B 186 11.34 13.82 -18.75
C ARG B 186 11.87 15.27 -18.74
N HIS B 187 11.34 16.09 -17.84
CA HIS B 187 11.74 17.49 -17.69
C HIS B 187 12.78 17.74 -16.61
N GLY B 188 13.38 16.67 -16.10
CA GLY B 188 14.47 16.79 -15.13
C GLY B 188 14.06 17.15 -13.73
N ILE B 189 12.84 16.74 -13.31
CA ILE B 189 12.32 17.12 -12.00
C ILE B 189 11.88 15.85 -11.27
N LEU B 190 12.38 15.66 -10.04
CA LEU B 190 11.94 14.54 -9.16
C LEU B 190 10.89 15.04 -8.16
N VAL B 191 9.89 14.21 -7.90
CA VAL B 191 8.73 14.60 -7.14
C VAL B 191 8.42 13.50 -6.09
N ASN B 192 8.34 13.91 -4.84
CA ASN B 192 8.11 12.95 -3.72
C ASN B 192 7.28 13.61 -2.61
N MET B 193 6.69 12.77 -1.76
CA MET B 193 5.84 13.23 -0.70
C MET B 193 6.46 12.87 0.67
N ILE B 194 6.24 13.73 1.66
CA ILE B 194 6.58 13.40 3.05
C ILE B 194 5.26 13.21 3.74
N ALA B 195 5.13 12.10 4.48
CA ALA B 195 3.86 11.76 5.14
C ALA B 195 4.08 11.76 6.67
N PRO B 196 3.89 12.91 7.34
CA PRO B 196 4.03 12.87 8.82
C PRO B 196 2.84 12.28 9.55
N GLY B 197 3.12 11.62 10.67
CA GLY B 197 2.07 11.27 11.61
C GLY B 197 1.79 12.46 12.54
N PRO B 198 1.47 12.17 13.81
CA PRO B 198 1.23 13.27 14.75
C PRO B 198 2.50 14.05 15.00
N VAL B 199 2.41 15.37 14.88
CA VAL B 199 3.54 16.29 15.07
C VAL B 199 3.08 17.42 15.99
N ASP B 200 3.87 17.68 17.05
CA ASP B 200 3.58 18.73 18.01
C ASP B 200 4.21 20.02 17.46
N VAL B 201 3.35 20.96 17.06
CA VAL B 201 3.80 22.27 16.52
C VAL B 201 3.74 23.40 17.57
N THR B 202 3.26 23.10 18.78
CA THR B 202 3.01 24.14 19.80
C THR B 202 4.30 24.82 20.30
N GLY B 203 5.39 24.06 20.31
CA GLY B 203 6.66 24.53 20.85
C GLY B 203 6.83 24.31 22.35
N ASN B 204 5.76 23.91 23.05
CA ASN B 204 5.82 23.72 24.51
C ASN B 204 5.20 22.40 24.98
N ASN B 205 5.41 21.33 24.22
CA ASN B 205 4.89 20.00 24.58
C ASN B 205 3.42 19.92 24.97
N THR B 206 2.57 20.80 24.45
CA THR B 206 1.13 20.77 24.79
C THR B 206 0.24 20.25 23.68
N GLY B 207 0.84 20.01 22.51
CA GLY B 207 0.15 19.25 21.48
C GLY B 207 -0.05 17.82 21.99
N TYR B 208 -1.26 17.31 21.79
CA TYR B 208 -1.59 15.92 22.14
C TYR B 208 -1.67 15.66 23.64
N SER B 209 -1.97 16.72 24.41
CA SER B 209 -1.99 16.66 25.87
C SER B 209 -3.36 16.26 26.43
N GLU B 210 -4.43 16.50 25.67
CA GLU B 210 -5.78 16.06 26.07
C GLU B 210 -5.67 14.57 26.48
N PRO B 211 -6.24 14.19 27.63
CA PRO B 211 -5.92 12.89 28.26
C PRO B 211 -6.19 11.64 27.38
N ARG B 212 -7.38 11.63 26.77
CA ARG B 212 -7.84 10.53 25.92
C ARG B 212 -6.92 10.46 24.70
N LEU B 213 -6.66 11.62 24.12
CA LEU B 213 -5.76 11.73 22.99
C LEU B 213 -4.34 11.28 23.36
N ALA B 214 -3.82 11.72 24.51
CA ALA B 214 -2.49 11.25 24.96
C ALA B 214 -2.41 9.73 25.09
N GLU B 215 -3.45 9.11 25.65
CA GLU B 215 -3.54 7.66 25.81
C GLU B 215 -3.48 7.00 24.41
N GLN B 216 -4.22 7.58 23.45
CA GLN B 216 -4.25 6.99 22.09
C GLN B 216 -2.94 7.17 21.35
N VAL B 217 -2.21 8.24 21.59
CA VAL B 217 -0.88 8.36 21.03
C VAL B 217 0.06 7.26 21.60
N LEU B 218 -0.04 6.99 22.90
CA LEU B 218 0.73 5.92 23.52
C LEU B 218 0.40 4.55 22.91
N ASP B 219 -0.88 4.30 22.63
CA ASP B 219 -1.32 3.04 22.03
C ASP B 219 -0.89 2.88 20.57
N GLU B 220 -1.10 3.93 19.76
CA GLU B 220 -1.00 3.82 18.31
C GLU B 220 0.37 4.14 17.69
N VAL B 221 1.19 4.94 18.36
CA VAL B 221 2.50 5.29 17.87
C VAL B 221 3.51 4.42 18.63
N ALA B 222 4.32 3.67 17.92
CA ALA B 222 5.28 2.75 18.58
C ALA B 222 6.27 3.49 19.45
N LEU B 223 6.75 4.65 18.98
CA LEU B 223 7.60 5.51 19.80
C LEU B 223 6.90 6.22 20.97
N GLY B 224 5.57 6.17 20.99
CA GLY B 224 4.80 6.63 22.15
C GLY B 224 4.79 8.12 22.41
N ARG B 225 4.93 8.93 21.35
CA ARG B 225 4.96 10.37 21.48
C ARG B 225 4.72 10.98 20.11
N PRO B 226 4.29 12.25 20.08
CA PRO B 226 4.26 12.98 18.80
C PRO B 226 5.66 13.33 18.33
N GLY B 227 5.80 13.58 17.03
CA GLY B 227 7.08 14.01 16.48
C GLY B 227 7.25 15.52 16.64
N LEU B 228 8.46 16.01 16.41
CA LEU B 228 8.72 17.44 16.37
C LEU B 228 8.88 17.86 14.90
N PRO B 229 8.54 19.12 14.56
CA PRO B 229 8.69 19.61 13.18
C PRO B 229 10.07 19.35 12.59
N GLU B 230 11.11 19.49 13.40
CA GLU B 230 12.48 19.24 12.95
C GLU B 230 12.73 17.81 12.48
N GLU B 231 12.02 16.86 13.08
CA GLU B 231 12.11 15.46 12.67
C GLU B 231 11.48 15.20 11.32
N VAL B 232 10.59 16.10 10.89
CA VAL B 232 10.04 16.06 9.53
C VAL B 232 10.95 16.80 8.54
N ALA B 233 11.45 17.98 8.93
CA ALA B 233 12.28 18.81 8.05
C ALA B 233 13.53 18.10 7.54
N THR B 234 14.06 17.18 8.33
CA THR B 234 15.23 16.43 7.88
C THR B 234 15.01 15.64 6.58
N ALA B 235 13.80 15.12 6.38
CA ALA B 235 13.45 14.42 5.17
C ALA B 235 13.39 15.38 3.98
N ALA B 236 12.95 16.61 4.22
CA ALA B 236 12.94 17.65 3.18
C ALA B 236 14.34 17.99 2.69
N VAL B 237 15.33 17.97 3.60
CA VAL B 237 16.74 18.09 3.17
C VAL B 237 17.18 16.89 2.34
N PHE B 238 16.89 15.68 2.81
CA PHE B 238 17.27 14.46 2.13
C PHE B 238 16.74 14.40 0.69
N LEU B 239 15.48 14.74 0.52
CA LEU B 239 14.82 14.63 -0.80
C LEU B 239 15.26 15.76 -1.77
N ALA B 240 15.88 16.82 -1.24
CA ALA B 240 16.29 17.96 -2.07
C ALA B 240 17.76 17.88 -2.51
N GLU B 241 18.54 17.01 -1.87
CA GLU B 241 20.00 16.97 -2.13
C GLU B 241 20.40 16.13 -3.33
N ASP B 242 21.58 16.41 -3.88
CA ASP B 242 22.03 15.75 -5.12
C ASP B 242 22.02 14.22 -5.08
N GLY B 243 22.34 13.64 -3.92
CA GLY B 243 22.44 12.19 -3.79
C GLY B 243 21.11 11.44 -3.94
N SER B 244 19.98 12.14 -3.79
CA SER B 244 18.65 11.52 -3.94
C SER B 244 18.15 11.44 -5.38
N SER B 245 19.08 11.21 -6.30
CA SER B 245 18.83 11.35 -7.74
C SER B 245 18.03 10.20 -8.38
N PHE B 246 17.81 9.10 -7.66
CA PHE B 246 16.98 8.02 -8.18
C PHE B 246 15.65 7.85 -7.44
N ILE B 247 15.30 8.82 -6.61
CA ILE B 247 14.10 8.78 -5.79
C ILE B 247 13.00 9.68 -6.37
N THR B 248 11.95 9.07 -6.87
CA THR B 248 10.80 9.88 -7.37
C THR B 248 9.56 9.02 -7.35
N GLY B 249 8.44 9.72 -7.17
CA GLY B 249 7.13 9.10 -7.05
C GLY B 249 6.91 8.42 -5.69
N SER B 250 7.83 8.61 -4.74
CA SER B 250 7.80 7.89 -3.46
C SER B 250 7.34 8.77 -2.29
N THR B 251 7.08 8.11 -1.15
CA THR B 251 6.68 8.73 0.08
C THR B 251 7.69 8.35 1.18
N ILE B 252 8.12 9.34 1.96
CA ILE B 252 8.84 9.11 3.21
C ILE B 252 7.86 9.31 4.37
N THR B 253 7.60 8.25 5.11
CA THR B 253 6.65 8.33 6.22
C THR B 253 7.43 8.55 7.52
N ILE B 254 6.97 9.51 8.29
CA ILE B 254 7.61 9.98 9.51
C ILE B 254 6.56 10.07 10.61
N ASP B 255 6.31 8.91 11.24
CA ASP B 255 5.15 8.77 12.11
C ASP B 255 5.38 7.91 13.35
N GLY B 256 6.64 7.62 13.69
CA GLY B 256 6.95 6.90 14.91
C GLY B 256 6.40 5.48 14.93
N GLY B 257 6.14 4.92 13.74
CA GLY B 257 5.61 3.57 13.60
C GLY B 257 4.10 3.47 13.56
N LEU B 258 3.39 4.60 13.58
CA LEU B 258 1.91 4.59 13.50
C LEU B 258 1.33 3.72 12.38
N SER B 259 1.79 3.92 11.14
CA SER B 259 1.22 3.21 10.01
C SER B 259 1.71 1.77 9.87
N ALA B 260 2.74 1.39 10.63
CA ALA B 260 3.32 0.07 10.60
C ALA B 260 2.67 -0.94 11.58
N MET B 261 1.90 -0.46 12.54
CA MET B 261 1.49 -1.26 13.74
C MET B 261 -0.02 -1.40 13.83
N ILE B 262 -0.52 -2.55 14.31
CA ILE B 262 -1.92 -2.69 14.69
C ILE B 262 -1.94 -3.26 16.12
N PHE B 263 -3.03 -2.99 16.83
CA PHE B 263 -3.15 -3.43 18.24
C PHE B 263 -1.95 -3.07 19.11
N GLY B 264 -1.39 -1.89 18.86
CA GLY B 264 -0.33 -1.33 19.63
C GLY B 264 -0.62 -1.16 21.11
N GLY B 265 -1.89 -0.99 21.48
CA GLY B 265 -2.21 -0.93 22.91
C GLY B 265 -1.99 -2.23 23.70
N MET B 266 -1.77 -3.34 23.00
CA MET B 266 -1.58 -4.62 23.62
C MET B 266 -0.09 -4.93 23.86
N ARG B 267 0.79 -4.04 23.39
CA ARG B 267 2.21 -4.35 23.46
C ARG B 267 2.79 -4.27 24.87
N GLU B 268 3.87 -4.99 25.07
CA GLU B 268 4.62 -4.92 26.34
C GLU B 268 5.00 -3.51 26.69
N GLY B 269 4.72 -3.10 27.91
CA GLY B 269 4.93 -1.71 28.32
C GLY B 269 3.67 -0.88 28.27
N ARG B 270 2.69 -1.31 27.47
CA ARG B 270 1.40 -0.60 27.38
C ARG B 270 0.26 -1.31 28.11
N ARG B 271 0.13 -2.61 27.92
CA ARG B 271 -0.98 -3.36 28.53
C ARG B 271 -0.81 -3.54 30.03
N GLY C 11 -26.49 -23.29 -7.88
CA GLY C 11 -25.35 -23.00 -6.95
C GLY C 11 -24.20 -22.31 -7.68
N ARG C 12 -23.61 -21.29 -7.06
CA ARG C 12 -22.54 -20.49 -7.68
C ARG C 12 -21.24 -21.27 -7.99
N LEU C 13 -20.98 -22.36 -7.25
CA LEU C 13 -19.83 -23.26 -7.49
C LEU C 13 -20.23 -24.66 -8.02
N ALA C 14 -21.41 -24.78 -8.64
CA ALA C 14 -21.97 -26.08 -9.03
C ALA C 14 -21.03 -26.92 -9.91
N GLY C 15 -20.61 -28.08 -9.40
CA GLY C 15 -19.82 -29.03 -10.17
C GLY C 15 -18.33 -28.79 -10.18
N LYS C 16 -17.86 -27.85 -9.37
CA LYS C 16 -16.42 -27.59 -9.28
C LYS C 16 -15.83 -28.43 -8.19
N ALA C 17 -14.60 -28.87 -8.40
CA ALA C 17 -13.82 -29.65 -7.43
C ALA C 17 -12.94 -28.70 -6.64
N ALA C 18 -13.02 -28.80 -5.32
CA ALA C 18 -12.29 -27.92 -4.42
C ALA C 18 -11.56 -28.69 -3.34
N ILE C 19 -10.37 -28.21 -3.03
CA ILE C 19 -9.64 -28.60 -1.86
C ILE C 19 -9.53 -27.40 -0.88
N VAL C 20 -9.92 -27.63 0.37
CA VAL C 20 -9.75 -26.64 1.44
C VAL C 20 -8.83 -27.23 2.50
N THR C 21 -7.66 -26.61 2.67
CA THR C 21 -6.74 -26.98 3.75
C THR C 21 -7.04 -26.18 5.01
N GLY C 22 -6.50 -26.62 6.15
CA GLY C 22 -6.89 -26.10 7.45
C GLY C 22 -8.39 -26.21 7.71
N ALA C 23 -8.97 -27.33 7.26
CA ALA C 23 -10.44 -27.48 7.15
C ALA C 23 -11.15 -27.78 8.48
N ALA C 24 -10.39 -28.08 9.52
CA ALA C 24 -10.94 -28.24 10.89
C ALA C 24 -10.87 -26.92 11.69
N GLY C 25 -10.11 -25.94 11.20
CA GLY C 25 -10.06 -24.60 11.83
C GLY C 25 -11.27 -23.73 11.48
N GLY C 26 -11.49 -22.67 12.26
CA GLY C 26 -12.60 -21.74 12.04
C GLY C 26 -12.89 -21.34 10.60
N ILE C 27 -11.97 -20.60 9.98
CA ILE C 27 -12.21 -20.12 8.61
C ILE C 27 -12.29 -21.29 7.60
N GLY C 28 -11.40 -22.26 7.72
CA GLY C 28 -11.43 -23.44 6.85
C GLY C 28 -12.75 -24.20 6.95
N ARG C 29 -13.23 -24.44 8.17
CA ARG C 29 -14.53 -25.10 8.34
C ARG C 29 -15.65 -24.32 7.67
N ALA C 30 -15.72 -23.02 7.93
CA ALA C 30 -16.73 -22.17 7.33
C ALA C 30 -16.64 -22.15 5.81
N THR C 31 -15.44 -22.28 5.27
CA THR C 31 -15.22 -22.36 3.82
C THR C 31 -15.73 -23.68 3.22
N VAL C 32 -15.40 -24.79 3.87
CA VAL C 32 -15.97 -26.12 3.48
C VAL C 32 -17.49 -26.05 3.39
N GLU C 33 -18.13 -25.52 4.44
CA GLU C 33 -19.60 -25.41 4.50
C GLU C 33 -20.20 -24.54 3.40
N ALA C 34 -19.61 -23.34 3.19
CA ALA C 34 -20.07 -22.46 2.12
C ALA C 34 -19.90 -23.09 0.73
N TYR C 35 -18.77 -23.73 0.52
CA TYR C 35 -18.50 -24.41 -0.74
C TYR C 35 -19.52 -25.55 -1.00
N LEU C 36 -19.80 -26.33 0.01
CA LEU C 36 -20.80 -27.44 -0.12
C LEU C 36 -22.21 -26.86 -0.42
N ARG C 37 -22.60 -25.80 0.26
CA ARG C 37 -23.90 -25.14 -0.01
C ARG C 37 -24.02 -24.55 -1.41
N GLU C 38 -22.89 -24.11 -1.99
CA GLU C 38 -22.90 -23.55 -3.33
C GLU C 38 -22.62 -24.60 -4.43
N GLY C 39 -22.59 -25.87 -4.04
CA GLY C 39 -22.68 -26.97 -5.02
C GLY C 39 -21.36 -27.64 -5.40
N ALA C 40 -20.29 -27.34 -4.67
CA ALA C 40 -18.99 -27.89 -4.98
C ALA C 40 -18.79 -29.27 -4.34
N SER C 41 -17.93 -30.05 -4.96
CA SER C 41 -17.41 -31.27 -4.36
C SER C 41 -16.16 -30.87 -3.59
N VAL C 42 -16.08 -31.24 -2.32
CA VAL C 42 -15.07 -30.66 -1.46
C VAL C 42 -14.27 -31.66 -0.69
N VAL C 43 -12.95 -31.57 -0.81
CA VAL C 43 -12.06 -32.26 0.11
C VAL C 43 -11.66 -31.32 1.24
N ALA C 44 -11.90 -31.78 2.48
CA ALA C 44 -11.48 -31.11 3.68
C ALA C 44 -10.20 -31.72 4.23
N MET C 45 -9.10 -30.96 4.16
CA MET C 45 -7.79 -31.42 4.63
C MET C 45 -7.35 -30.75 5.91
N ASP C 46 -6.94 -31.56 6.88
CA ASP C 46 -6.33 -31.08 8.10
C ASP C 46 -5.64 -32.24 8.84
N LEU C 47 -5.10 -31.98 10.02
CA LEU C 47 -4.53 -33.04 10.84
C LEU C 47 -5.59 -34.09 11.15
N ALA C 48 -5.20 -35.36 11.13
CA ALA C 48 -6.12 -36.48 11.35
C ALA C 48 -6.92 -36.32 12.65
N PRO C 49 -6.24 -36.08 13.78
CA PRO C 49 -6.99 -35.93 15.02
C PRO C 49 -7.97 -34.74 15.00
N ARG C 50 -7.61 -33.65 14.32
CA ARG C 50 -8.51 -32.50 14.23
C ARG C 50 -9.71 -32.82 13.36
N LEU C 51 -9.50 -33.48 12.21
CA LEU C 51 -10.62 -33.93 11.37
C LEU C 51 -11.53 -34.88 12.15
N ALA C 52 -10.92 -35.80 12.90
CA ALA C 52 -11.68 -36.71 13.78
C ALA C 52 -12.68 -35.95 14.67
N ALA C 53 -12.27 -34.81 15.20
CA ALA C 53 -13.08 -34.05 16.16
C ALA C 53 -13.92 -32.90 15.56
N THR C 54 -14.12 -32.89 14.24
CA THR C 54 -14.94 -31.86 13.61
C THR C 54 -16.21 -32.44 13.02
N ARG C 55 -17.31 -31.70 13.15
CA ARG C 55 -18.53 -31.99 12.40
C ARG C 55 -18.78 -30.78 11.50
N TYR C 56 -19.19 -31.03 10.26
CA TYR C 56 -19.57 -29.98 9.33
C TYR C 56 -21.08 -29.83 9.35
N GLU C 57 -21.56 -28.59 9.26
CA GLU C 57 -23.00 -28.30 9.25
C GLU C 57 -23.65 -28.74 7.94
N GLU C 58 -22.83 -28.98 6.91
CA GLU C 58 -23.27 -29.42 5.60
C GLU C 58 -22.65 -30.77 5.26
N PRO C 59 -23.42 -31.68 4.61
CA PRO C 59 -22.91 -32.99 4.25
C PRO C 59 -22.21 -33.03 2.89
N GLY C 60 -21.27 -33.95 2.75
CA GLY C 60 -20.63 -34.18 1.46
C GLY C 60 -19.11 -34.01 1.49
N ALA C 61 -18.59 -33.50 2.60
CA ALA C 61 -17.15 -33.27 2.73
C ALA C 61 -16.34 -34.57 2.72
N ILE C 62 -15.29 -34.61 1.93
CA ILE C 62 -14.39 -35.76 1.86
C ILE C 62 -13.18 -35.47 2.75
N PRO C 63 -13.13 -36.08 3.94
CA PRO C 63 -11.98 -35.83 4.82
C PRO C 63 -10.69 -36.54 4.36
N ILE C 64 -9.58 -35.78 4.26
CA ILE C 64 -8.28 -36.31 3.89
C ILE C 64 -7.22 -35.77 4.84
N ALA C 65 -6.63 -36.66 5.65
CA ALA C 65 -5.63 -36.28 6.63
C ALA C 65 -4.35 -35.80 5.97
N CYS C 66 -3.73 -34.79 6.56
CA CYS C 66 -2.44 -34.30 6.11
C CYS C 66 -1.68 -33.61 7.23
N ASP C 67 -0.40 -33.32 6.96
CA ASP C 67 0.50 -32.73 7.95
C ASP C 67 1.36 -31.60 7.35
N LEU C 68 0.95 -30.35 7.59
CA LEU C 68 1.74 -29.19 7.13
C LEU C 68 3.03 -29.06 7.94
N ARG C 71 6.17 -32.55 3.74
CA ARG C 71 6.40 -32.42 2.29
C ARG C 71 5.95 -33.68 1.52
N ALA C 72 6.45 -34.84 1.93
CA ALA C 72 5.92 -36.10 1.41
C ALA C 72 4.43 -36.24 1.77
N ALA C 73 4.07 -35.87 3.00
CA ALA C 73 2.66 -35.96 3.44
C ALA C 73 1.77 -35.03 2.65
N ILE C 74 2.27 -33.84 2.30
CA ILE C 74 1.46 -32.91 1.48
C ILE C 74 1.27 -33.45 0.06
N ASP C 75 2.33 -33.96 -0.56
CA ASP C 75 2.19 -34.51 -1.92
C ASP C 75 1.24 -35.71 -1.91
N ALA C 76 1.36 -36.57 -0.90
CA ALA C 76 0.49 -37.76 -0.78
C ALA C 76 -0.97 -37.33 -0.64
N ALA C 77 -1.24 -36.48 0.34
CA ALA C 77 -2.60 -36.00 0.57
C ALA C 77 -3.19 -35.32 -0.65
N MET C 78 -2.40 -34.48 -1.34
CA MET C 78 -2.89 -33.79 -2.55
C MET C 78 -3.21 -34.77 -3.70
N ALA C 79 -2.31 -35.72 -3.98
CA ALA C 79 -2.58 -36.73 -5.02
C ALA C 79 -3.84 -37.52 -4.67
N ASP C 80 -3.94 -37.92 -3.41
CA ASP C 80 -5.10 -38.63 -2.88
C ASP C 80 -6.38 -37.81 -3.13
N ALA C 81 -6.34 -36.55 -2.72
CA ALA C 81 -7.47 -35.63 -2.90
C ALA C 81 -7.89 -35.45 -4.35
N VAL C 82 -6.92 -35.24 -5.25
CA VAL C 82 -7.23 -35.03 -6.67
C VAL C 82 -7.79 -36.33 -7.29
N ALA C 83 -7.21 -37.46 -6.90
CA ALA C 83 -7.73 -38.77 -7.31
C ALA C 83 -9.24 -38.85 -6.97
N ARG C 84 -9.59 -38.57 -5.72
CA ARG C 84 -11.00 -38.68 -5.27
C ARG C 84 -11.95 -37.69 -5.94
N LEU C 85 -11.48 -36.48 -6.23
CA LEU C 85 -12.32 -35.49 -6.92
C LEU C 85 -12.39 -35.68 -8.44
N GLY C 86 -11.39 -36.34 -9.04
CA GLY C 86 -11.31 -36.50 -10.50
C GLY C 86 -10.93 -35.22 -11.24
N GLY C 87 -10.20 -34.33 -10.56
CA GLY C 87 -9.85 -33.01 -11.10
C GLY C 87 -9.52 -32.05 -9.97
N LEU C 88 -9.29 -30.79 -10.29
CA LEU C 88 -9.13 -29.76 -9.26
C LEU C 88 -9.38 -28.42 -9.88
N ASP C 89 -10.38 -27.71 -9.35
CA ASP C 89 -10.74 -26.40 -9.90
C ASP C 89 -10.39 -25.24 -8.94
N ILE C 90 -10.41 -25.52 -7.64
CA ILE C 90 -10.29 -24.49 -6.59
C ILE C 90 -9.46 -25.05 -5.48
N LEU C 91 -8.43 -24.32 -5.07
CA LEU C 91 -7.66 -24.63 -3.90
C LEU C 91 -7.72 -23.46 -2.93
N VAL C 92 -8.12 -23.74 -1.69
CA VAL C 92 -8.04 -22.74 -0.58
C VAL C 92 -6.98 -23.19 0.39
N ALA C 93 -5.88 -22.44 0.46
CA ALA C 93 -4.76 -22.80 1.33
C ALA C 93 -4.93 -22.10 2.68
N GLY C 94 -5.65 -22.75 3.59
CA GLY C 94 -5.99 -22.18 4.89
C GLY C 94 -5.25 -22.76 6.08
N GLY C 95 -4.41 -23.78 5.85
CA GLY C 95 -3.60 -24.36 6.92
C GLY C 95 -2.65 -23.28 7.43
N ALA C 96 -2.61 -23.08 8.74
CA ALA C 96 -1.85 -21.99 9.31
C ALA C 96 -1.77 -22.07 10.82
N LEU C 97 -0.58 -21.76 11.36
CA LEU C 97 -0.38 -21.57 12.79
C LEU C 97 -0.55 -20.08 13.12
N LYS C 98 -1.41 -19.77 14.09
CA LYS C 98 -1.63 -18.38 14.50
C LYS C 98 -1.32 -18.25 15.97
N GLY C 99 -0.36 -17.40 16.30
CA GLY C 99 0.04 -17.25 17.67
C GLY C 99 1.21 -16.32 17.82
N GLY C 100 1.35 -15.76 19.02
CA GLY C 100 2.46 -14.88 19.35
C GLY C 100 3.47 -15.60 20.24
N THR C 101 4.66 -15.06 20.32
CA THR C 101 5.76 -15.72 21.00
C THR C 101 6.28 -14.93 22.18
N GLY C 102 6.32 -13.61 22.06
CA GLY C 102 7.03 -12.74 22.97
C GLY C 102 7.78 -11.71 22.13
N ASN C 103 8.64 -10.94 22.79
CA ASN C 103 9.36 -9.87 22.11
C ASN C 103 10.36 -10.46 21.13
N PHE C 104 10.64 -9.69 20.07
CA PHE C 104 11.59 -10.10 19.07
C PHE C 104 12.95 -10.46 19.67
N LEU C 105 13.42 -9.68 20.64
CA LEU C 105 14.72 -9.91 21.26
C LEU C 105 14.92 -11.35 21.77
N ASP C 106 13.80 -11.98 22.17
CA ASP C 106 13.79 -13.32 22.80
C ASP C 106 13.24 -14.41 21.90
N LEU C 107 12.97 -14.10 20.63
CA LEU C 107 12.38 -15.08 19.73
C LEU C 107 13.40 -16.19 19.38
N SER C 108 13.01 -17.42 19.63
CA SER C 108 13.97 -18.54 19.46
C SER C 108 14.02 -19.01 18.00
N ASP C 109 15.09 -19.70 17.64
CA ASP C 109 15.20 -20.31 16.30
C ASP C 109 14.06 -21.27 16.08
N ALA C 110 13.69 -22.02 17.11
CA ALA C 110 12.63 -23.01 16.98
C ALA C 110 11.24 -22.39 16.66
N ASP C 111 10.91 -21.26 17.26
CA ASP C 111 9.62 -20.59 16.96
C ASP C 111 9.63 -19.95 15.57
N TRP C 112 10.70 -19.24 15.26
CA TRP C 112 10.92 -18.75 13.87
C TRP C 112 10.70 -19.89 12.84
N ASP C 113 11.47 -20.98 12.97
CA ASP C 113 11.36 -22.12 12.04
C ASP C 113 9.97 -22.72 11.94
N ARG C 114 9.24 -22.78 13.04
CA ARG C 114 7.91 -23.39 12.99
C ARG C 114 6.92 -22.54 12.21
N TYR C 115 6.92 -21.24 12.46
CA TYR C 115 5.98 -20.37 11.75
C TYR C 115 6.38 -20.26 10.27
N VAL C 116 7.67 -20.12 9.98
CA VAL C 116 8.10 -20.00 8.60
C VAL C 116 7.84 -21.31 7.85
N ASP C 117 8.24 -22.44 8.44
CA ASP C 117 7.98 -23.75 7.82
C ASP C 117 6.50 -24.05 7.60
N VAL C 118 5.68 -23.84 8.62
CA VAL C 118 4.29 -24.23 8.51
C VAL C 118 3.47 -23.25 7.66
N ASN C 119 3.54 -21.97 8.00
CA ASN C 119 2.70 -20.95 7.30
C ASN C 119 3.20 -20.64 5.87
N MET C 120 4.50 -20.52 5.72
CA MET C 120 5.05 -20.05 4.44
C MET C 120 5.42 -21.22 3.54
N THR C 121 6.30 -22.09 4.00
CA THR C 121 6.73 -23.21 3.18
C THR C 121 5.59 -24.17 2.97
N GLY C 122 4.72 -24.33 3.96
CA GLY C 122 3.55 -25.21 3.82
C GLY C 122 2.59 -24.71 2.77
N THR C 123 2.38 -23.40 2.73
CA THR C 123 1.53 -22.79 1.72
C THR C 123 2.17 -22.94 0.35
N PHE C 124 3.48 -22.75 0.26
CA PHE C 124 4.21 -22.91 -1.01
C PHE C 124 4.01 -24.34 -1.57
N LEU C 125 4.16 -25.34 -0.69
CA LEU C 125 4.16 -26.75 -1.10
C LEU C 125 2.79 -27.22 -1.55
N THR C 126 1.76 -26.75 -0.86
CA THR C 126 0.37 -27.02 -1.15
C THR C 126 -0.02 -26.38 -2.48
N CYS C 127 0.36 -25.12 -2.66
CA CYS C 127 -0.01 -24.38 -3.86
C CYS C 127 0.69 -24.87 -5.15
N ARG C 128 1.96 -25.26 -5.04
CA ARG C 128 2.69 -25.83 -6.16
C ARG C 128 2.06 -27.16 -6.57
N ALA C 129 1.72 -27.97 -5.58
CA ALA C 129 1.13 -29.28 -5.86
C ALA C 129 -0.22 -29.07 -6.52
N GLY C 130 -1.00 -28.12 -5.98
CA GLY C 130 -2.33 -27.80 -6.51
C GLY C 130 -2.31 -27.19 -7.90
N ALA C 131 -1.41 -26.25 -8.14
CA ALA C 131 -1.27 -25.63 -9.43
C ALA C 131 -0.88 -26.68 -10.49
N ARG C 132 0.02 -27.58 -10.12
CA ARG C 132 0.45 -28.66 -11.03
C ARG C 132 -0.73 -29.58 -11.40
N ALA C 133 -1.54 -29.93 -10.41
CA ALA C 133 -2.75 -30.73 -10.62
C ALA C 133 -3.83 -30.01 -11.44
N MET C 134 -3.96 -28.70 -11.27
CA MET C 134 -4.91 -27.91 -12.06
C MET C 134 -4.51 -27.89 -13.53
N VAL C 135 -3.20 -27.75 -13.81
CA VAL C 135 -2.71 -27.76 -15.19
C VAL C 135 -2.85 -29.18 -15.79
N ALA C 136 -2.50 -30.20 -15.02
CA ALA C 136 -2.66 -31.58 -15.49
C ALA C 136 -4.12 -31.85 -15.84
N ALA C 137 -5.04 -31.29 -15.07
CA ALA C 137 -6.48 -31.45 -15.30
C ALA C 137 -7.11 -30.53 -16.36
N GLY C 138 -6.32 -29.65 -16.98
CA GLY C 138 -6.78 -28.86 -18.14
C GLY C 138 -7.35 -27.47 -17.85
N ALA C 139 -6.80 -26.79 -16.84
CA ALA C 139 -7.22 -25.43 -16.51
C ALA C 139 -7.21 -24.51 -17.72
N ARG C 144 -12.69 -20.93 -18.80
CA ARG C 144 -12.79 -20.81 -17.35
C ARG C 144 -11.45 -21.09 -16.67
N SER C 145 -11.07 -20.21 -15.76
CA SER C 145 -9.81 -20.34 -15.03
C SER C 145 -9.98 -21.12 -13.72
N ALA C 146 -8.98 -21.94 -13.38
CA ALA C 146 -8.86 -22.49 -12.05
C ALA C 146 -8.50 -21.35 -11.06
N ARG C 147 -8.64 -21.63 -9.78
CA ARG C 147 -8.55 -20.59 -8.75
C ARG C 147 -7.78 -21.05 -7.54
N ILE C 148 -6.77 -20.28 -7.15
CA ILE C 148 -6.04 -20.53 -5.92
C ILE C 148 -6.31 -19.33 -5.00
N ILE C 149 -6.69 -19.64 -3.77
CA ILE C 149 -7.01 -18.62 -2.78
C ILE C 149 -6.17 -18.88 -1.52
N THR C 150 -5.37 -17.89 -1.14
CA THR C 150 -4.54 -18.00 0.03
C THR C 150 -5.18 -17.21 1.20
N ILE C 151 -5.07 -17.74 2.42
CA ILE C 151 -5.52 -17.01 3.60
C ILE C 151 -4.33 -16.38 4.29
N GLY C 152 -4.19 -15.08 4.09
CA GLY C 152 -3.19 -14.31 4.82
C GLY C 152 -3.78 -13.66 6.06
N SER C 153 -3.50 -12.38 6.23
CA SER C 153 -3.91 -11.64 7.42
C SER C 153 -3.71 -10.15 7.16
N VAL C 154 -4.42 -9.31 7.93
CA VAL C 154 -4.01 -7.90 8.06
C VAL C 154 -2.51 -7.81 8.43
N ASN C 155 -2.01 -8.81 9.17
CA ASN C 155 -0.56 -8.95 9.50
C ASN C 155 0.37 -9.22 8.32
N SER C 156 -0.22 -9.43 7.14
CA SER C 156 0.56 -9.43 5.91
C SER C 156 1.03 -8.03 5.49
N PHE C 157 0.41 -6.97 6.07
CA PHE C 157 0.71 -5.59 5.78
C PHE C 157 1.09 -4.72 6.98
N MET C 158 0.52 -4.99 8.15
CA MET C 158 0.82 -4.24 9.37
C MET C 158 1.04 -5.20 10.54
N ALA C 159 2.03 -4.90 11.36
CA ALA C 159 2.46 -5.78 12.44
C ALA C 159 1.75 -5.58 13.81
N GLU C 160 1.24 -6.69 14.34
CA GLU C 160 0.86 -6.80 15.75
C GLU C 160 2.11 -6.93 16.62
N PRO C 161 2.02 -6.59 17.92
CA PRO C 161 3.19 -6.77 18.78
C PRO C 161 3.48 -8.24 19.13
N GLU C 162 4.77 -8.55 19.37
CA GLU C 162 5.15 -9.86 19.95
C GLU C 162 4.74 -11.07 19.17
N ALA C 163 4.80 -10.94 17.84
CA ALA C 163 4.48 -12.04 16.95
C ALA C 163 5.35 -11.99 15.66
N ALA C 164 6.63 -11.65 15.79
CA ALA C 164 7.45 -11.34 14.58
C ALA C 164 7.52 -12.50 13.56
N ALA C 165 7.53 -13.74 14.04
CA ALA C 165 7.60 -14.89 13.15
C ALA C 165 6.32 -15.11 12.35
N TYR C 166 5.20 -15.05 13.05
CA TYR C 166 3.89 -15.11 12.39
C TYR C 166 3.75 -13.98 11.37
N VAL C 167 4.07 -12.77 11.80
CA VAL C 167 3.97 -11.55 10.96
C VAL C 167 4.84 -11.69 9.71
N ALA C 168 6.12 -12.02 9.88
CA ALA C 168 7.03 -12.18 8.74
C ALA C 168 6.49 -13.19 7.72
N ALA C 169 5.96 -14.31 8.22
CA ALA C 169 5.49 -15.39 7.35
C ALA C 169 4.25 -14.93 6.60
N LYS C 170 3.44 -14.13 7.24
CA LYS C 170 2.27 -13.58 6.54
C LYS C 170 2.67 -12.62 5.41
N GLY C 171 3.73 -11.85 5.60
CA GLY C 171 4.26 -11.04 4.49
C GLY C 171 4.78 -11.92 3.36
N GLY C 172 5.41 -13.03 3.71
CA GLY C 172 5.90 -13.98 2.72
C GLY C 172 4.76 -14.58 1.91
N VAL C 173 3.70 -14.99 2.59
CA VAL C 173 2.48 -15.47 1.91
C VAL C 173 1.85 -14.45 0.98
N ALA C 174 1.79 -13.18 1.40
CA ALA C 174 1.21 -12.10 0.53
C ALA C 174 2.01 -11.98 -0.78
N MET C 175 3.33 -11.95 -0.68
CA MET C 175 4.17 -11.83 -1.88
C MET C 175 4.23 -13.11 -2.69
N LEU C 176 4.18 -14.27 -2.00
CA LEU C 176 4.06 -15.57 -2.68
C LEU C 176 2.78 -15.56 -3.56
N THR C 177 1.71 -15.00 -3.02
CA THR C 177 0.47 -14.91 -3.74
C THR C 177 0.62 -14.08 -5.04
N ARG C 178 1.22 -12.92 -4.94
CA ARG C 178 1.42 -12.09 -6.13
C ARG C 178 2.31 -12.73 -7.18
N ALA C 179 3.37 -13.37 -6.73
CA ALA C 179 4.29 -14.07 -7.63
C ALA C 179 3.62 -15.22 -8.33
N MET C 180 2.78 -15.97 -7.60
CA MET C 180 2.00 -17.03 -8.22
C MET C 180 1.01 -16.53 -9.25
N ALA C 181 0.35 -15.40 -8.95
CA ALA C 181 -0.61 -14.84 -9.89
C ALA C 181 0.09 -14.49 -11.22
N VAL C 182 1.29 -13.91 -11.11
CA VAL C 182 2.03 -13.48 -12.28
C VAL C 182 2.43 -14.72 -13.12
N ASP C 183 2.99 -15.72 -12.47
CA ASP C 183 3.54 -16.92 -13.16
C ASP C 183 2.47 -17.86 -13.68
N LEU C 184 1.30 -17.92 -13.01
CA LEU C 184 0.23 -18.87 -13.41
C LEU C 184 -0.91 -18.31 -14.28
N ALA C 185 -0.94 -17.00 -14.49
CA ALA C 185 -1.86 -16.39 -15.43
C ALA C 185 -1.81 -17.09 -16.84
N ARG C 186 -0.62 -17.37 -17.36
CA ARG C 186 -0.49 -18.06 -18.66
C ARG C 186 -1.06 -19.49 -18.64
N HIS C 187 -1.11 -20.09 -17.45
CA HIS C 187 -1.63 -21.46 -17.27
C HIS C 187 -3.10 -21.56 -16.91
N GLY C 188 -3.80 -20.45 -17.00
CA GLY C 188 -5.22 -20.42 -16.76
C GLY C 188 -5.64 -20.47 -15.30
N ILE C 189 -4.83 -19.92 -14.40
CA ILE C 189 -5.10 -19.99 -12.96
C ILE C 189 -5.03 -18.58 -12.39
N LEU C 190 -6.10 -18.16 -11.70
CA LEU C 190 -6.14 -16.87 -10.96
C LEU C 190 -5.83 -17.12 -9.48
N VAL C 191 -5.06 -16.19 -8.89
CA VAL C 191 -4.53 -16.34 -7.56
C VAL C 191 -4.74 -15.03 -6.76
N ASN C 192 -5.35 -15.16 -5.61
CA ASN C 192 -5.68 -14.00 -4.78
C ASN C 192 -5.61 -14.39 -3.29
N MET C 193 -5.55 -13.36 -2.45
CA MET C 193 -5.40 -13.56 -1.02
C MET C 193 -6.62 -12.95 -0.30
N ILE C 194 -7.02 -13.59 0.79
CA ILE C 194 -8.02 -13.02 1.71
C ILE C 194 -7.24 -12.62 2.95
N ALA C 195 -7.46 -11.37 3.42
CA ALA C 195 -6.71 -10.85 4.57
C ALA C 195 -7.72 -10.54 5.69
N PRO C 196 -8.04 -11.54 6.54
CA PRO C 196 -8.89 -11.20 7.70
C PRO C 196 -8.21 -10.40 8.83
N GLY C 197 -9.01 -9.57 9.50
CA GLY C 197 -8.63 -8.96 10.74
C GLY C 197 -8.98 -9.91 11.88
N PRO C 198 -9.35 -9.36 13.05
CA PRO C 198 -9.71 -10.22 14.16
C PRO C 198 -10.95 -11.02 13.84
N VAL C 199 -10.88 -12.33 14.07
CA VAL C 199 -11.99 -13.25 13.80
C VAL C 199 -12.19 -14.16 15.03
N ASP C 200 -13.41 -14.23 15.52
CA ASP C 200 -13.74 -15.06 16.69
C ASP C 200 -14.04 -16.47 16.18
N VAL C 201 -13.16 -17.42 16.49
CA VAL C 201 -13.34 -18.82 16.06
C VAL C 201 -13.92 -19.72 17.19
N THR C 202 -14.13 -19.18 18.38
CA THR C 202 -14.52 -19.97 19.56
C THR C 202 -15.92 -20.60 19.44
N GLY C 203 -16.80 -19.91 18.72
CA GLY C 203 -18.19 -20.34 18.57
C GLY C 203 -19.13 -19.85 19.67
N ASN C 204 -18.57 -19.26 20.73
CA ASN C 204 -19.38 -18.78 21.86
C ASN C 204 -18.99 -17.37 22.32
N ASN C 205 -18.64 -16.51 21.35
CA ASN C 205 -18.35 -15.10 21.59
C ASN C 205 -17.34 -14.83 22.71
N THR C 206 -16.41 -15.75 22.95
CA THR C 206 -15.40 -15.58 24.00
C THR C 206 -14.03 -15.22 23.44
N GLY C 207 -13.90 -15.23 22.12
CA GLY C 207 -12.73 -14.67 21.49
C GLY C 207 -12.74 -13.17 21.72
N TYR C 208 -11.59 -12.63 22.08
CA TYR C 208 -11.40 -11.18 22.28
C TYR C 208 -12.13 -10.64 23.51
N SER C 209 -12.28 -11.46 24.55
CA SER C 209 -13.06 -11.07 25.73
C SER C 209 -12.19 -10.59 26.90
N GLU C 210 -10.89 -10.88 26.84
CA GLU C 210 -9.94 -10.30 27.78
C GLU C 210 -10.20 -8.77 27.75
N PRO C 211 -10.30 -8.12 28.92
CA PRO C 211 -10.84 -6.74 29.00
C PRO C 211 -10.05 -5.69 28.20
N ARG C 212 -8.73 -5.74 28.32
CA ARG C 212 -7.83 -4.80 27.65
C ARG C 212 -7.94 -5.05 26.14
N LEU C 213 -7.95 -6.32 25.77
CA LEU C 213 -8.12 -6.70 24.37
C LEU C 213 -9.47 -6.26 23.80
N ALA C 214 -10.56 -6.50 24.54
CA ALA C 214 -11.89 -6.02 24.12
C ALA C 214 -11.91 -4.49 23.89
N GLU C 215 -11.27 -3.74 24.78
CA GLU C 215 -11.22 -2.28 24.68
C GLU C 215 -10.51 -1.92 23.37
N GLN C 216 -9.41 -2.64 23.08
CA GLN C 216 -8.62 -2.33 21.86
C GLN C 216 -9.32 -2.73 20.57
N VAL C 217 -10.12 -3.79 20.59
CA VAL C 217 -10.97 -4.08 19.46
C VAL C 217 -11.99 -2.94 19.20
N LEU C 218 -12.60 -2.41 20.26
CA LEU C 218 -13.51 -1.29 20.16
C LEU C 218 -12.82 -0.05 19.56
N ASP C 219 -11.56 0.20 19.95
CA ASP C 219 -10.82 1.33 19.44
C ASP C 219 -10.42 1.18 17.99
N GLU C 220 -9.85 0.02 17.66
CA GLU C 220 -9.17 -0.17 16.38
C GLU C 220 -10.01 -0.72 15.21
N VAL C 221 -11.13 -1.38 15.49
CA VAL C 221 -12.00 -1.89 14.45
C VAL C 221 -13.19 -0.94 14.37
N ALA C 222 -13.46 -0.40 13.20
CA ALA C 222 -14.56 0.60 13.04
C ALA C 222 -15.91 -0.02 13.35
N LEU C 223 -16.12 -1.28 12.96
CA LEU C 223 -17.33 -2.00 13.38
C LEU C 223 -17.36 -2.45 14.85
N GLY C 224 -16.24 -2.30 15.57
CA GLY C 224 -16.23 -2.48 17.02
C GLY C 224 -16.45 -3.88 17.55
N ARG C 225 -16.04 -4.88 16.75
CA ARG C 225 -16.24 -6.29 17.12
C ARG C 225 -15.35 -7.16 16.27
N PRO C 226 -15.07 -8.37 16.73
CA PRO C 226 -14.40 -9.32 15.83
C PRO C 226 -15.33 -9.85 14.75
N GLY C 227 -14.76 -10.36 13.66
CA GLY C 227 -15.55 -10.98 12.61
C GLY C 227 -15.89 -12.42 12.97
N LEU C 228 -16.83 -12.99 12.23
CA LEU C 228 -17.12 -14.43 12.35
C LEU C 228 -16.53 -15.16 11.14
N PRO C 229 -16.11 -16.44 11.31
CA PRO C 229 -15.55 -17.20 10.19
C PRO C 229 -16.39 -17.16 8.91
N GLU C 230 -17.71 -17.20 9.05
CA GLU C 230 -18.60 -17.09 7.90
C GLU C 230 -18.46 -15.80 7.11
N GLU C 231 -18.12 -14.71 7.79
CA GLU C 231 -17.92 -13.42 7.12
C GLU C 231 -16.64 -13.41 6.30
N VAL C 232 -15.73 -14.33 6.60
CA VAL C 232 -14.54 -14.54 5.78
C VAL C 232 -14.80 -15.49 4.62
N ALA C 233 -15.48 -16.61 4.90
CA ALA C 233 -15.79 -17.63 3.89
C ALA C 233 -16.52 -17.11 2.65
N THR C 234 -17.34 -16.08 2.84
CA THR C 234 -18.07 -15.52 1.72
C THR C 234 -17.15 -14.97 0.59
N ALA C 235 -15.99 -14.45 0.97
CA ALA C 235 -15.00 -13.98 0.00
C ALA C 235 -14.37 -15.15 -0.77
N ALA C 236 -14.23 -16.28 -0.10
CA ALA C 236 -13.72 -17.52 -0.72
C ALA C 236 -14.66 -18.04 -1.81
N VAL C 237 -15.97 -17.88 -1.59
CA VAL C 237 -16.94 -18.16 -2.66
C VAL C 237 -16.79 -17.18 -3.82
N PHE C 238 -16.70 -15.90 -3.51
CA PHE C 238 -16.61 -14.86 -4.52
C PHE C 238 -15.39 -15.06 -5.42
N LEU C 239 -14.25 -15.39 -4.82
CA LEU C 239 -13.01 -15.50 -5.59
C LEU C 239 -12.90 -16.83 -6.36
N ALA C 240 -13.79 -17.80 -6.07
CA ALA C 240 -13.77 -19.09 -6.76
C ALA C 240 -14.77 -19.16 -7.93
N GLU C 241 -15.74 -18.23 -7.99
CA GLU C 241 -16.83 -18.33 -8.95
C GLU C 241 -16.47 -17.76 -10.32
N ASP C 242 -17.19 -18.21 -11.34
CA ASP C 242 -16.89 -17.85 -12.74
C ASP C 242 -16.82 -16.34 -13.00
N GLY C 243 -17.68 -15.56 -12.35
CA GLY C 243 -17.75 -14.13 -12.59
C GLY C 243 -16.51 -13.35 -12.18
N SER C 244 -15.66 -13.93 -11.31
CA SER C 244 -14.41 -13.28 -10.84
C SER C 244 -13.22 -13.47 -11.79
N SER C 245 -13.49 -13.46 -13.09
CA SER C 245 -12.52 -13.87 -14.10
C SER C 245 -11.45 -12.83 -14.45
N PHE C 246 -11.56 -11.61 -13.94
CA PHE C 246 -10.51 -10.59 -14.16
C PHE C 246 -9.77 -10.21 -12.87
N ILE C 247 -10.00 -10.95 -11.80
CA ILE C 247 -9.41 -10.68 -10.51
C ILE C 247 -8.23 -11.63 -10.26
N THR C 248 -7.05 -11.07 -10.20
CA THR C 248 -5.87 -11.88 -9.84
C THR C 248 -4.77 -10.97 -9.33
N GLY C 249 -3.95 -11.54 -8.46
CA GLY C 249 -2.87 -10.85 -7.77
C GLY C 249 -3.36 -9.90 -6.67
N SER C 250 -4.66 -9.94 -6.33
CA SER C 250 -5.26 -8.96 -5.40
C SER C 250 -5.55 -9.57 -4.01
N THR C 251 -5.91 -8.69 -3.07
CA THR C 251 -6.24 -9.02 -1.71
C THR C 251 -7.66 -8.51 -1.40
N ILE C 252 -8.49 -9.35 -0.76
CA ILE C 252 -9.76 -8.90 -0.21
C ILE C 252 -9.57 -8.79 1.29
N THR C 253 -9.67 -7.59 1.84
CA THR C 253 -9.47 -7.40 3.26
C THR C 253 -10.80 -7.41 3.97
N ILE C 254 -10.88 -8.18 5.05
CA ILE C 254 -12.12 -8.42 5.78
C ILE C 254 -11.83 -8.23 7.26
N ASP C 255 -11.86 -6.96 7.68
CA ASP C 255 -11.34 -6.57 8.98
C ASP C 255 -12.13 -5.49 9.73
N GLY C 256 -13.36 -5.24 9.30
CA GLY C 256 -14.23 -4.31 10.00
C GLY C 256 -13.71 -2.89 10.00
N GLY C 257 -12.82 -2.57 9.05
CA GLY C 257 -12.23 -1.25 8.95
C GLY C 257 -10.93 -1.08 9.68
N LEU C 258 -10.41 -2.13 10.30
CA LEU C 258 -9.12 -2.03 11.03
C LEU C 258 -8.02 -1.37 10.23
N SER C 259 -7.73 -1.85 9.03
CA SER C 259 -6.60 -1.32 8.24
C SER C 259 -6.88 0.02 7.57
N ALA C 260 -8.12 0.46 7.56
CA ALA C 260 -8.52 1.73 6.99
C ALA C 260 -8.42 2.96 7.94
N MET C 261 -8.34 2.73 9.25
CA MET C 261 -8.53 3.75 10.28
C MET C 261 -7.29 4.00 11.14
N ILE C 262 -7.05 5.25 11.55
CA ILE C 262 -6.08 5.57 12.58
C ILE C 262 -6.77 6.42 13.63
N PHE C 263 -6.28 6.34 14.86
CA PHE C 263 -6.89 7.05 16.00
C PHE C 263 -8.38 6.78 16.15
N GLY C 264 -8.77 5.53 15.91
CA GLY C 264 -10.12 5.08 16.07
C GLY C 264 -10.67 5.24 17.48
N GLY C 265 -9.81 5.24 18.49
CA GLY C 265 -10.28 5.48 19.86
C GLY C 265 -10.84 6.88 20.13
N MET C 266 -10.57 7.82 19.22
CA MET C 266 -11.02 9.20 19.35
C MET C 266 -12.38 9.45 18.70
N ARG C 267 -12.92 8.44 18.03
CA ARG C 267 -14.14 8.68 17.26
C ARG C 267 -15.39 8.84 18.14
N GLU C 268 -16.38 9.53 17.59
CA GLU C 268 -17.68 9.68 18.24
C GLU C 268 -18.26 8.32 18.60
N GLY C 269 -18.69 8.16 19.84
CA GLY C 269 -19.16 6.87 20.32
C GLY C 269 -18.11 6.11 21.11
N ARG C 270 -16.83 6.44 20.90
CA ARG C 270 -15.74 5.84 21.67
C ARG C 270 -15.16 6.73 22.75
N ARG C 271 -14.85 7.98 22.41
CA ARG C 271 -14.18 8.90 23.35
C ARG C 271 -15.14 9.36 24.46
N GLY D 11 -32.59 -14.72 -5.17
CA GLY D 11 -31.69 -13.60 -5.62
C GLY D 11 -30.88 -13.02 -4.46
N ARG D 12 -29.58 -12.82 -4.67
CA ARG D 12 -28.66 -12.35 -3.61
C ARG D 12 -28.97 -10.94 -3.06
N LEU D 13 -29.61 -10.09 -3.88
CA LEU D 13 -30.04 -8.75 -3.49
C LEU D 13 -31.58 -8.58 -3.40
N ALA D 14 -32.30 -9.70 -3.21
CA ALA D 14 -33.77 -9.69 -3.28
C ALA D 14 -34.42 -8.67 -2.33
N GLY D 15 -35.15 -7.70 -2.89
CA GLY D 15 -35.92 -6.74 -2.11
C GLY D 15 -35.17 -5.52 -1.60
N LYS D 16 -33.91 -5.35 -2.03
CA LYS D 16 -33.12 -4.19 -1.64
C LYS D 16 -33.30 -3.08 -2.64
N ALA D 17 -33.30 -1.86 -2.14
CA ALA D 17 -33.40 -0.65 -2.97
C ALA D 17 -32.01 -0.17 -3.27
N ALA D 18 -31.72 0.08 -4.54
CA ALA D 18 -30.39 0.51 -4.97
C ALA D 18 -30.48 1.68 -5.91
N ILE D 19 -29.54 2.61 -5.74
CA ILE D 19 -29.27 3.64 -6.71
C ILE D 19 -27.89 3.38 -7.36
N VAL D 20 -27.87 3.39 -8.70
CA VAL D 20 -26.62 3.33 -9.45
C VAL D 20 -26.46 4.61 -10.28
N THR D 21 -25.43 5.40 -9.96
CA THR D 21 -25.08 6.59 -10.74
C THR D 21 -24.13 6.19 -11.87
N GLY D 22 -23.96 7.09 -12.84
CA GLY D 22 -23.23 6.78 -14.09
C GLY D 22 -23.81 5.57 -14.81
N ALA D 23 -25.14 5.45 -14.78
CA ALA D 23 -25.83 4.21 -15.13
C ALA D 23 -26.00 3.97 -16.65
N ALA D 24 -25.65 4.97 -17.46
CA ALA D 24 -25.57 4.81 -18.92
C ALA D 24 -24.16 4.45 -19.38
N GLY D 25 -23.17 4.56 -18.49
CA GLY D 25 -21.78 4.14 -18.82
C GLY D 25 -21.56 2.64 -18.72
N GLY D 26 -20.46 2.15 -19.28
CA GLY D 26 -20.11 0.73 -19.23
C GLY D 26 -20.30 0.01 -17.91
N ILE D 27 -19.52 0.39 -16.89
CA ILE D 27 -19.60 -0.30 -15.60
C ILE D 27 -20.97 -0.07 -14.90
N GLY D 28 -21.47 1.15 -14.95
CA GLY D 28 -22.78 1.49 -14.35
C GLY D 28 -23.91 0.70 -15.01
N ARG D 29 -23.91 0.63 -16.33
CA ARG D 29 -24.92 -0.18 -17.03
C ARG D 29 -24.85 -1.63 -16.57
N ALA D 30 -23.65 -2.22 -16.60
CA ALA D 30 -23.48 -3.61 -16.19
C ALA D 30 -23.90 -3.84 -14.72
N THR D 31 -23.71 -2.83 -13.89
CA THR D 31 -24.13 -2.90 -12.49
C THR D 31 -25.67 -2.90 -12.36
N VAL D 32 -26.31 -1.98 -13.05
CA VAL D 32 -27.80 -1.98 -13.11
C VAL D 32 -28.33 -3.37 -13.49
N GLU D 33 -27.79 -3.94 -14.57
CA GLU D 33 -28.21 -5.27 -15.04
C GLU D 33 -27.99 -6.38 -14.01
N ALA D 34 -26.80 -6.43 -13.41
CA ALA D 34 -26.51 -7.44 -12.40
C ALA D 34 -27.41 -7.30 -11.18
N TYR D 35 -27.65 -6.06 -10.76
CA TYR D 35 -28.50 -5.77 -9.62
C TYR D 35 -29.96 -6.24 -9.90
N LEU D 36 -30.48 -5.92 -11.08
CA LEU D 36 -31.84 -6.37 -11.49
C LEU D 36 -31.97 -7.90 -11.52
N ARG D 37 -30.97 -8.58 -12.07
CA ARG D 37 -30.94 -10.05 -12.08
C ARG D 37 -30.90 -10.66 -10.69
N GLU D 38 -30.26 -9.98 -9.74
CA GLU D 38 -30.16 -10.49 -8.37
C GLU D 38 -31.30 -10.01 -7.46
N GLY D 39 -32.31 -9.36 -8.04
CA GLY D 39 -33.61 -9.14 -7.37
C GLY D 39 -33.84 -7.77 -6.78
N ALA D 40 -32.94 -6.82 -7.06
CA ALA D 40 -33.05 -5.49 -6.49
C ALA D 40 -34.00 -4.61 -7.29
N SER D 41 -34.54 -3.60 -6.61
CA SER D 41 -35.24 -2.51 -7.26
C SER D 41 -34.21 -1.42 -7.50
N VAL D 42 -34.09 -0.98 -8.74
CA VAL D 42 -32.95 -0.16 -9.12
C VAL D 42 -33.31 1.13 -9.79
N VAL D 43 -32.78 2.24 -9.26
CA VAL D 43 -32.77 3.50 -9.99
C VAL D 43 -31.45 3.65 -10.74
N ALA D 44 -31.58 3.85 -12.05
CA ALA D 44 -30.47 4.17 -12.93
C ALA D 44 -30.39 5.68 -13.16
N MET D 45 -29.33 6.32 -12.62
CA MET D 45 -29.10 7.75 -12.75
C MET D 45 -27.95 8.08 -13.66
N ASP D 46 -28.21 8.99 -14.61
CA ASP D 46 -27.18 9.55 -15.48
C ASP D 46 -27.74 10.80 -16.17
N LEU D 47 -26.95 11.39 -17.07
CA LEU D 47 -27.42 12.52 -17.86
C LEU D 47 -28.66 12.11 -18.67
N ALA D 48 -29.63 13.02 -18.78
CA ALA D 48 -30.88 12.73 -19.50
C ALA D 48 -30.67 12.22 -20.93
N PRO D 49 -29.85 12.93 -21.72
CA PRO D 49 -29.59 12.44 -23.08
C PRO D 49 -28.92 11.06 -23.13
N ARG D 50 -28.04 10.76 -22.17
CA ARG D 50 -27.37 9.46 -22.15
C ARG D 50 -28.37 8.36 -21.76
N LEU D 51 -29.21 8.61 -20.75
CA LEU D 51 -30.29 7.66 -20.38
C LEU D 51 -31.24 7.43 -21.57
N ALA D 52 -31.59 8.51 -22.27
CA ALA D 52 -32.40 8.42 -23.49
C ALA D 52 -31.84 7.39 -24.48
N ALA D 53 -30.51 7.35 -24.63
CA ALA D 53 -29.85 6.48 -25.63
C ALA D 53 -29.32 5.13 -25.09
N THR D 54 -29.80 4.69 -23.92
CA THR D 54 -29.38 3.40 -23.36
C THR D 54 -30.56 2.44 -23.30
N ARG D 55 -30.29 1.17 -23.59
CA ARG D 55 -31.25 0.09 -23.34
C ARG D 55 -30.58 -0.93 -22.42
N TYR D 56 -31.29 -1.34 -21.38
CA TYR D 56 -30.77 -2.31 -20.43
C TYR D 56 -31.17 -3.71 -20.87
N GLU D 57 -30.28 -4.68 -20.69
CA GLU D 57 -30.56 -6.07 -21.05
C GLU D 57 -31.57 -6.71 -20.10
N GLU D 58 -31.79 -6.08 -18.94
CA GLU D 58 -32.76 -6.55 -17.95
C GLU D 58 -33.82 -5.47 -17.70
N PRO D 59 -35.09 -5.88 -17.51
CA PRO D 59 -36.17 -4.92 -17.29
C PRO D 59 -36.37 -4.55 -15.82
N GLY D 60 -36.89 -3.35 -15.57
CA GLY D 60 -37.25 -2.93 -14.23
C GLY D 60 -36.52 -1.69 -13.76
N ALA D 61 -35.53 -1.23 -14.52
CA ALA D 61 -34.75 -0.03 -14.18
C ALA D 61 -35.63 1.22 -14.16
N ILE D 62 -35.49 2.04 -13.11
CA ILE D 62 -36.18 3.32 -13.01
C ILE D 62 -35.25 4.45 -13.42
N PRO D 63 -35.47 5.06 -14.60
CA PRO D 63 -34.56 6.12 -15.02
C PRO D 63 -34.79 7.42 -14.27
N ILE D 64 -33.71 8.04 -13.77
CA ILE D 64 -33.78 9.34 -13.15
C ILE D 64 -32.62 10.22 -13.62
N ALA D 65 -32.96 11.26 -14.37
CA ALA D 65 -31.95 12.18 -14.93
C ALA D 65 -31.27 12.96 -13.83
N CYS D 66 -29.96 13.17 -13.98
CA CYS D 66 -29.19 14.01 -13.07
C CYS D 66 -27.95 14.58 -13.75
N ASP D 67 -27.31 15.51 -13.05
CA ASP D 67 -26.17 16.24 -13.59
C ASP D 67 -25.03 16.36 -12.54
N LEU D 68 -24.01 15.51 -12.65
CA LEU D 68 -22.85 15.61 -11.76
C LEU D 68 -22.03 16.85 -12.11
N ARG D 71 -25.18 20.35 -7.90
CA ARG D 71 -25.41 20.20 -6.47
C ARG D 71 -26.92 20.19 -6.13
N ALA D 72 -27.65 21.22 -6.57
CA ALA D 72 -29.11 21.20 -6.48
C ALA D 72 -29.69 20.05 -7.32
N ALA D 73 -29.12 19.79 -8.49
CA ALA D 73 -29.58 18.68 -9.34
C ALA D 73 -29.33 17.33 -8.69
N ILE D 74 -28.20 17.19 -7.99
CA ILE D 74 -27.93 15.93 -7.30
C ILE D 74 -28.91 15.73 -6.15
N ASP D 75 -29.16 16.75 -5.34
CA ASP D 75 -30.11 16.60 -4.22
C ASP D 75 -31.50 16.29 -4.74
N ALA D 76 -31.90 16.97 -5.82
CA ALA D 76 -33.22 16.73 -6.41
C ALA D 76 -33.35 15.31 -6.91
N ALA D 77 -32.40 14.91 -7.75
CA ALA D 77 -32.41 13.53 -8.28
C ALA D 77 -32.41 12.49 -7.16
N MET D 78 -31.59 12.68 -6.13
CA MET D 78 -31.52 11.70 -5.02
C MET D 78 -32.86 11.61 -4.23
N ALA D 79 -33.45 12.75 -3.90
CA ALA D 79 -34.75 12.76 -3.20
C ALA D 79 -35.80 12.06 -4.08
N ASP D 80 -35.82 12.44 -5.34
CA ASP D 80 -36.70 11.81 -6.35
C ASP D 80 -36.53 10.30 -6.31
N ALA D 81 -35.27 9.84 -6.44
CA ALA D 81 -34.97 8.40 -6.43
C ALA D 81 -35.40 7.68 -5.17
N VAL D 82 -35.12 8.27 -4.01
CA VAL D 82 -35.49 7.64 -2.73
C VAL D 82 -37.02 7.60 -2.57
N ALA D 83 -37.68 8.67 -2.99
CA ALA D 83 -39.15 8.70 -3.02
C ALA D 83 -39.70 7.49 -3.80
N ARG D 84 -39.20 7.30 -5.03
CA ARG D 84 -39.66 6.18 -5.91
C ARG D 84 -39.34 4.77 -5.39
N LEU D 85 -38.19 4.60 -4.73
CA LEU D 85 -37.84 3.29 -4.14
C LEU D 85 -38.50 3.03 -2.78
N GLY D 86 -38.87 4.09 -2.06
CA GLY D 86 -39.42 3.96 -0.70
C GLY D 86 -38.39 3.58 0.36
N GLY D 87 -37.13 3.96 0.13
CA GLY D 87 -36.00 3.58 0.99
C GLY D 87 -34.70 3.67 0.21
N LEU D 88 -33.60 3.27 0.83
CA LEU D 88 -32.33 3.15 0.11
C LEU D 88 -31.43 2.23 0.90
N ASP D 89 -31.02 1.14 0.26
CA ASP D 89 -30.17 0.16 0.91
C ASP D 89 -28.75 0.15 0.33
N ILE D 90 -28.62 0.49 -0.96
CA ILE D 90 -27.33 0.35 -1.69
C ILE D 90 -27.17 1.54 -2.58
N LEU D 91 -26.02 2.18 -2.51
CA LEU D 91 -25.65 3.24 -3.44
C LEU D 91 -24.36 2.84 -4.15
N VAL D 92 -24.38 2.86 -5.47
CA VAL D 92 -23.16 2.72 -6.28
C VAL D 92 -22.87 4.04 -6.96
N ALA D 93 -21.78 4.69 -6.54
CA ALA D 93 -21.41 5.99 -7.07
C ALA D 93 -20.43 5.82 -8.24
N GLY D 94 -20.99 5.64 -9.43
CA GLY D 94 -20.20 5.35 -10.64
C GLY D 94 -20.08 6.50 -11.63
N GLY D 95 -20.74 7.64 -11.36
CA GLY D 95 -20.63 8.80 -12.23
C GLY D 95 -19.18 9.25 -12.20
N ALA D 96 -18.60 9.47 -13.37
CA ALA D 96 -17.19 9.76 -13.46
C ALA D 96 -16.77 10.17 -14.88
N LEU D 97 -15.90 11.17 -14.97
CA LEU D 97 -15.23 11.54 -16.21
C LEU D 97 -13.89 10.81 -16.27
N LYS D 98 -13.63 10.10 -17.36
CA LYS D 98 -12.37 9.38 -17.54
C LYS D 98 -11.70 9.88 -18.80
N GLY D 99 -10.49 10.41 -18.66
CA GLY D 99 -9.80 10.97 -19.80
C GLY D 99 -8.51 11.64 -19.39
N GLY D 100 -7.60 11.74 -20.34
CA GLY D 100 -6.31 12.39 -20.14
C GLY D 100 -6.29 13.73 -20.82
N THR D 101 -5.37 14.58 -20.42
CA THR D 101 -5.32 15.96 -20.85
C THR D 101 -4.07 16.30 -21.65
N GLY D 102 -2.93 15.73 -21.25
CA GLY D 102 -1.63 16.16 -21.72
C GLY D 102 -0.68 16.19 -20.53
N ASN D 103 0.50 16.75 -20.72
CA ASN D 103 1.51 16.79 -19.67
C ASN D 103 1.09 17.75 -18.57
N PHE D 104 1.55 17.45 -17.34
CA PHE D 104 1.22 18.26 -16.19
C PHE D 104 1.59 19.74 -16.36
N LEU D 105 2.72 19.97 -16.99
CA LEU D 105 3.19 21.34 -17.24
C LEU D 105 2.14 22.22 -17.94
N ASP D 106 1.32 21.59 -18.77
CA ASP D 106 0.33 22.29 -19.63
C ASP D 106 -1.10 22.12 -19.18
N LEU D 107 -1.32 21.50 -18.01
CA LEU D 107 -2.68 21.25 -17.53
C LEU D 107 -3.37 22.56 -17.13
N SER D 108 -4.53 22.81 -17.70
CA SER D 108 -5.21 24.09 -17.45
C SER D 108 -6.05 24.03 -16.17
N ASP D 109 -6.39 25.21 -15.65
CA ASP D 109 -7.28 25.34 -14.49
C ASP D 109 -8.60 24.70 -14.79
N ALA D 110 -9.09 24.91 -16.03
CA ALA D 110 -10.38 24.38 -16.44
C ALA D 110 -10.48 22.85 -16.44
N ASP D 111 -9.41 22.17 -16.89
CA ASP D 111 -9.40 20.69 -16.87
C ASP D 111 -9.23 20.18 -15.43
N TRP D 112 -8.33 20.78 -14.68
CA TRP D 112 -8.23 20.47 -13.22
C TRP D 112 -9.61 20.56 -12.53
N ASP D 113 -10.26 21.72 -12.65
CA ASP D 113 -11.58 21.93 -12.04
C ASP D 113 -12.66 20.95 -12.47
N ARG D 114 -12.65 20.55 -13.73
CA ARG D 114 -13.69 19.65 -14.22
C ARG D 114 -13.57 18.24 -13.62
N TYR D 115 -12.35 17.71 -13.61
CA TYR D 115 -12.13 16.40 -13.05
C TYR D 115 -12.33 16.41 -11.54
N VAL D 116 -11.82 17.41 -10.85
CA VAL D 116 -11.97 17.45 -9.40
C VAL D 116 -13.46 17.66 -9.05
N ASP D 117 -14.12 18.64 -9.70
CA ASP D 117 -15.55 18.87 -9.45
C ASP D 117 -16.44 17.67 -9.76
N VAL D 118 -16.24 17.06 -10.93
CA VAL D 118 -17.14 15.96 -11.31
C VAL D 118 -16.82 14.65 -10.58
N ASN D 119 -15.57 14.20 -10.62
CA ASN D 119 -15.20 12.89 -10.03
C ASN D 119 -15.20 12.91 -8.48
N MET D 120 -14.60 13.94 -7.90
CA MET D 120 -14.39 13.97 -6.45
C MET D 120 -15.59 14.61 -5.75
N THR D 121 -15.88 15.87 -6.06
CA THR D 121 -16.96 16.60 -5.38
C THR D 121 -18.30 15.98 -5.72
N GLY D 122 -18.46 15.52 -6.96
CA GLY D 122 -19.67 14.84 -7.35
C GLY D 122 -19.91 13.57 -6.57
N THR D 123 -18.82 12.82 -6.31
CA THR D 123 -18.93 11.62 -5.52
C THR D 123 -19.22 11.96 -4.09
N PHE D 124 -18.62 13.02 -3.57
CA PHE D 124 -18.88 13.47 -2.20
C PHE D 124 -20.37 13.82 -2.02
N LEU D 125 -20.93 14.56 -2.98
CA LEU D 125 -22.30 15.11 -2.86
C LEU D 125 -23.35 14.02 -2.97
N THR D 126 -23.08 13.03 -3.83
CA THR D 126 -23.92 11.87 -4.03
C THR D 126 -23.93 10.98 -2.79
N CYS D 127 -22.72 10.71 -2.26
CA CYS D 127 -22.59 9.84 -1.11
C CYS D 127 -23.16 10.43 0.22
N ARG D 128 -23.01 11.73 0.42
CA ARG D 128 -23.58 12.41 1.58
C ARG D 128 -25.11 12.34 1.51
N ALA D 129 -25.64 12.61 0.32
CA ALA D 129 -27.10 12.58 0.14
C ALA D 129 -27.62 11.19 0.38
N GLY D 130 -26.94 10.21 -0.17
CA GLY D 130 -27.30 8.81 0.00
C GLY D 130 -27.20 8.31 1.43
N ALA D 131 -26.10 8.65 2.11
CA ALA D 131 -25.86 8.22 3.48
C ALA D 131 -26.95 8.81 4.38
N ARG D 132 -27.25 10.06 4.14
CA ARG D 132 -28.35 10.74 4.88
C ARG D 132 -29.69 10.05 4.69
N ALA D 133 -30.01 9.68 3.45
CA ALA D 133 -31.25 8.92 3.16
C ALA D 133 -31.27 7.49 3.72
N MET D 134 -30.09 6.85 3.78
CA MET D 134 -30.01 5.53 4.38
C MET D 134 -30.28 5.59 5.88
N VAL D 135 -29.75 6.60 6.56
CA VAL D 135 -29.97 6.76 8.00
C VAL D 135 -31.44 7.16 8.26
N ALA D 136 -31.98 8.05 7.44
CA ALA D 136 -33.41 8.43 7.57
C ALA D 136 -34.31 7.20 7.40
N ALA D 137 -33.93 6.28 6.50
CA ALA D 137 -34.68 5.04 6.25
C ALA D 137 -34.44 3.89 7.25
N GLY D 138 -33.55 4.08 8.22
CA GLY D 138 -33.35 3.10 9.30
C GLY D 138 -32.26 2.06 9.13
N ALA D 139 -31.16 2.44 8.48
CA ALA D 139 -30.02 1.54 8.29
C ALA D 139 -29.58 0.93 9.61
N ARG D 144 -28.79 -5.68 9.65
CA ARG D 144 -28.25 -5.54 8.29
C ARG D 144 -27.81 -4.11 8.00
N SER D 145 -26.62 -3.99 7.45
CA SER D 145 -26.05 -2.68 7.14
C SER D 145 -26.40 -2.23 5.72
N ALA D 146 -26.66 -0.92 5.55
CA ALA D 146 -26.67 -0.31 4.24
C ALA D 146 -25.25 -0.30 3.64
N ARG D 147 -25.15 -0.06 2.33
CA ARG D 147 -23.89 -0.22 1.59
C ARG D 147 -23.65 0.89 0.61
N ILE D 148 -22.49 1.52 0.71
CA ILE D 148 -22.07 2.51 -0.26
C ILE D 148 -20.85 1.91 -0.98
N ILE D 149 -20.92 1.91 -2.30
CA ILE D 149 -19.83 1.38 -3.15
C ILE D 149 -19.35 2.49 -4.11
N THR D 150 -18.08 2.84 -3.98
CA THR D 150 -17.51 3.84 -4.86
C THR D 150 -16.71 3.15 -6.00
N ILE D 151 -16.69 3.77 -7.16
CA ILE D 151 -15.89 3.24 -8.30
C ILE D 151 -14.70 4.16 -8.46
N GLY D 152 -13.55 3.67 -8.04
CA GLY D 152 -12.32 4.36 -8.25
C GLY D 152 -11.58 3.77 -9.44
N SER D 153 -10.29 3.49 -9.25
CA SER D 153 -9.44 3.02 -10.33
C SER D 153 -8.13 2.53 -9.76
N VAL D 154 -7.42 1.73 -10.55
CA VAL D 154 -5.98 1.48 -10.24
C VAL D 154 -5.24 2.82 -10.11
N ASN D 155 -5.71 3.83 -10.84
CA ASN D 155 -5.17 5.21 -10.75
C ASN D 155 -5.42 5.91 -9.41
N SER D 156 -6.20 5.25 -8.53
CA SER D 156 -6.27 5.71 -7.14
C SER D 156 -4.97 5.45 -6.36
N PHE D 157 -4.13 4.57 -6.89
CA PHE D 157 -2.90 4.17 -6.23
C PHE D 157 -1.62 4.35 -7.04
N MET D 158 -1.71 4.18 -8.37
CA MET D 158 -0.56 4.35 -9.26
C MET D 158 -0.97 5.21 -10.47
N ALA D 159 -0.09 6.11 -10.90
CA ALA D 159 -0.40 7.09 -11.93
C ALA D 159 -0.07 6.67 -13.39
N GLU D 160 -1.07 6.78 -14.26
CA GLU D 160 -0.89 6.73 -15.72
C GLU D 160 -0.30 8.06 -16.18
N PRO D 161 0.38 8.10 -17.33
CA PRO D 161 0.93 9.35 -17.81
C PRO D 161 -0.15 10.33 -18.35
N GLU D 162 0.10 11.62 -18.23
CA GLU D 162 -0.70 12.68 -18.92
C GLU D 162 -2.15 12.70 -18.54
N ALA D 163 -2.40 12.46 -17.25
CA ALA D 163 -3.77 12.46 -16.76
C ALA D 163 -3.81 12.90 -15.28
N ALA D 164 -3.00 13.91 -14.93
CA ALA D 164 -2.78 14.24 -13.53
C ALA D 164 -4.04 14.63 -12.76
N ALA D 165 -4.99 15.30 -13.45
CA ALA D 165 -6.24 15.68 -12.80
C ALA D 165 -7.13 14.50 -12.48
N TYR D 166 -7.29 13.63 -13.46
CA TYR D 166 -8.05 12.39 -13.27
C TYR D 166 -7.44 11.58 -12.14
N VAL D 167 -6.11 11.43 -12.19
CA VAL D 167 -5.37 10.64 -11.20
C VAL D 167 -5.53 11.20 -9.78
N ALA D 168 -5.28 12.49 -9.61
CA ALA D 168 -5.44 13.15 -8.33
C ALA D 168 -6.84 12.93 -7.75
N ALA D 169 -7.87 13.06 -8.59
CA ALA D 169 -9.26 12.95 -8.14
C ALA D 169 -9.57 11.50 -7.73
N LYS D 170 -8.96 10.54 -8.41
CA LYS D 170 -9.10 9.16 -8.02
C LYS D 170 -8.45 8.85 -6.66
N GLY D 171 -7.35 9.49 -6.36
CA GLY D 171 -6.76 9.38 -5.01
C GLY D 171 -7.66 10.01 -3.97
N GLY D 172 -8.30 11.13 -4.29
CA GLY D 172 -9.27 11.77 -3.42
C GLY D 172 -10.48 10.88 -3.15
N VAL D 173 -11.01 10.23 -4.19
CA VAL D 173 -12.09 9.24 -4.02
C VAL D 173 -11.70 8.08 -3.12
N ALA D 174 -10.47 7.57 -3.29
CA ALA D 174 -10.02 6.46 -2.45
C ALA D 174 -10.05 6.83 -0.97
N MET D 175 -9.49 8.00 -0.64
CA MET D 175 -9.41 8.42 0.77
C MET D 175 -10.78 8.89 1.27
N LEU D 176 -11.59 9.48 0.39
CA LEU D 176 -12.99 9.81 0.77
C LEU D 176 -13.69 8.54 1.20
N THR D 177 -13.47 7.45 0.48
CA THR D 177 -14.07 6.15 0.80
C THR D 177 -13.70 5.64 2.18
N ARG D 178 -12.40 5.71 2.52
CA ARG D 178 -11.94 5.27 3.83
C ARG D 178 -12.50 6.13 4.96
N ALA D 179 -12.52 7.44 4.74
CA ALA D 179 -13.08 8.39 5.72
C ALA D 179 -14.56 8.16 5.95
N MET D 180 -15.31 7.89 4.88
CA MET D 180 -16.74 7.58 5.01
CA MET D 180 -16.75 7.55 4.99
C MET D 180 -16.96 6.25 5.76
N ALA D 181 -16.10 5.26 5.49
CA ALA D 181 -16.22 4.00 6.20
C ALA D 181 -16.07 4.20 7.71
N VAL D 182 -15.08 5.00 8.12
CA VAL D 182 -14.80 5.24 9.50
C VAL D 182 -16.00 5.97 10.17
N ASP D 183 -16.48 7.02 9.52
CA ASP D 183 -17.53 7.88 10.10
C ASP D 183 -18.91 7.24 10.09
N LEU D 184 -19.19 6.38 9.12
CA LEU D 184 -20.54 5.81 8.97
C LEU D 184 -20.73 4.40 9.53
N ALA D 185 -19.66 3.78 10.00
CA ALA D 185 -19.77 2.50 10.70
C ALA D 185 -20.77 2.57 11.88
N ARG D 186 -20.75 3.64 12.67
CA ARG D 186 -21.70 3.79 13.78
C ARG D 186 -23.15 3.93 13.34
N HIS D 187 -23.36 4.37 12.08
CA HIS D 187 -24.69 4.56 11.50
C HIS D 187 -25.18 3.38 10.68
N GLY D 188 -24.51 2.26 10.79
CA GLY D 188 -24.94 1.04 10.13
C GLY D 188 -24.68 0.96 8.63
N ILE D 189 -23.65 1.63 8.14
CA ILE D 189 -23.38 1.71 6.70
C ILE D 189 -21.92 1.26 6.43
N LEU D 190 -21.74 0.27 5.56
CA LEU D 190 -20.39 -0.20 5.12
C LEU D 190 -20.04 0.45 3.79
N VAL D 191 -18.77 0.83 3.65
CA VAL D 191 -18.32 1.67 2.54
C VAL D 191 -17.02 1.07 1.99
N ASN D 192 -17.02 0.81 0.69
CA ASN D 192 -15.88 0.15 0.02
C ASN D 192 -15.73 0.66 -1.42
N MET D 193 -14.54 0.46 -1.96
CA MET D 193 -14.22 0.97 -3.30
C MET D 193 -13.93 -0.22 -4.21
N ILE D 194 -14.32 -0.09 -5.48
CA ILE D 194 -13.90 -1.04 -6.52
C ILE D 194 -12.87 -0.33 -7.35
N ALA D 195 -11.71 -0.98 -7.62
CA ALA D 195 -10.64 -0.31 -8.36
C ALA D 195 -10.38 -1.09 -9.67
N PRO D 196 -11.10 -0.74 -10.76
CA PRO D 196 -10.80 -1.45 -12.03
C PRO D 196 -9.52 -0.99 -12.73
N GLY D 197 -8.86 -1.93 -13.41
CA GLY D 197 -7.82 -1.61 -14.35
C GLY D 197 -8.41 -1.25 -15.70
N PRO D 198 -7.73 -1.60 -16.80
CA PRO D 198 -8.28 -1.32 -18.11
C PRO D 198 -9.56 -2.13 -18.34
N VAL D 199 -10.62 -1.45 -18.79
CA VAL D 199 -11.90 -2.08 -19.04
C VAL D 199 -12.39 -1.61 -20.43
N ASP D 200 -12.76 -2.57 -21.27
CA ASP D 200 -13.25 -2.28 -22.63
C ASP D 200 -14.76 -2.03 -22.52
N VAL D 201 -15.17 -0.80 -22.72
CA VAL D 201 -16.61 -0.41 -22.65
C VAL D 201 -17.28 -0.31 -24.05
N THR D 202 -16.50 -0.51 -25.12
CA THR D 202 -16.98 -0.27 -26.49
C THR D 202 -18.08 -1.24 -26.92
N GLY D 203 -18.03 -2.45 -26.38
CA GLY D 203 -18.97 -3.52 -26.76
C GLY D 203 -18.55 -4.33 -27.98
N ASN D 204 -17.48 -3.91 -28.67
CA ASN D 204 -17.02 -4.61 -29.87
C ASN D 204 -15.49 -4.82 -29.91
N ASN D 205 -14.90 -5.05 -28.72
CA ASN D 205 -13.48 -5.37 -28.57
C ASN D 205 -12.52 -4.38 -29.24
N THR D 206 -12.93 -3.12 -29.39
CA THR D 206 -12.09 -2.11 -30.04
C THR D 206 -11.46 -1.16 -29.04
N GLY D 207 -11.81 -1.30 -27.76
CA GLY D 207 -11.08 -0.63 -26.72
C GLY D 207 -9.70 -1.27 -26.65
N TYR D 208 -8.68 -0.42 -26.55
CA TYR D 208 -7.29 -0.84 -26.38
C TYR D 208 -6.69 -1.48 -27.64
N SER D 209 -7.22 -1.10 -28.81
CA SER D 209 -6.78 -1.70 -30.08
C SER D 209 -5.65 -0.91 -30.79
N GLU D 210 -5.46 0.36 -30.41
CA GLU D 210 -4.30 1.11 -30.90
C GLU D 210 -3.05 0.22 -30.65
N PRO D 211 -2.19 0.09 -31.66
CA PRO D 211 -1.14 -0.96 -31.62
C PRO D 211 -0.19 -0.87 -30.41
N ARG D 212 0.30 0.34 -30.14
CA ARG D 212 1.26 0.58 -29.06
C ARG D 212 0.57 0.28 -27.75
N LEU D 213 -0.67 0.75 -27.62
CA LEU D 213 -1.49 0.48 -26.44
C LEU D 213 -1.77 -1.00 -26.25
N ALA D 214 -2.16 -1.71 -27.32
CA ALA D 214 -2.37 -3.16 -27.26
C ALA D 214 -1.11 -3.90 -26.73
N GLU D 215 0.05 -3.50 -27.24
CA GLU D 215 1.35 -4.10 -26.82
C GLU D 215 1.56 -3.85 -25.32
N GLN D 216 1.23 -2.64 -24.85
CA GLN D 216 1.40 -2.32 -23.41
C GLN D 216 0.41 -3.04 -22.51
N VAL D 217 -0.81 -3.27 -22.98
CA VAL D 217 -1.73 -4.12 -22.25
C VAL D 217 -1.20 -5.56 -22.08
N LEU D 218 -0.63 -6.10 -23.15
CA LEU D 218 -0.02 -7.42 -23.12
C LEU D 218 1.13 -7.46 -22.10
N ASP D 219 1.97 -6.42 -22.05
CA ASP D 219 3.08 -6.35 -21.12
C ASP D 219 2.61 -6.22 -19.66
N GLU D 220 1.68 -5.29 -19.42
CA GLU D 220 1.41 -4.83 -18.06
C GLU D 220 0.30 -5.56 -17.32
N VAL D 221 -0.62 -6.19 -18.06
CA VAL D 221 -1.70 -6.94 -17.45
C VAL D 221 -1.36 -8.42 -17.55
N ALA D 222 -1.35 -9.12 -16.43
CA ALA D 222 -0.93 -10.53 -16.42
C ALA D 222 -1.86 -11.39 -17.25
N LEU D 223 -3.16 -11.10 -17.19
CA LEU D 223 -4.11 -11.77 -18.07
C LEU D 223 -4.05 -11.36 -19.55
N GLY D 224 -3.32 -10.28 -19.86
CA GLY D 224 -3.03 -9.91 -21.24
C GLY D 224 -4.18 -9.37 -22.07
N ARG D 225 -5.14 -8.72 -21.40
CA ARG D 225 -6.32 -8.19 -22.08
C ARG D 225 -7.02 -7.19 -21.17
N PRO D 226 -7.87 -6.34 -21.76
CA PRO D 226 -8.73 -5.52 -20.92
C PRO D 226 -9.88 -6.32 -20.30
N GLY D 227 -10.46 -5.80 -19.23
CA GLY D 227 -11.59 -6.46 -18.61
C GLY D 227 -12.88 -6.03 -19.28
N LEU D 228 -13.95 -6.74 -19.00
CA LEU D 228 -15.27 -6.36 -19.47
C LEU D 228 -16.05 -5.74 -18.30
N PRO D 229 -16.99 -4.82 -18.58
CA PRO D 229 -17.77 -4.19 -17.53
C PRO D 229 -18.43 -5.18 -16.58
N GLU D 230 -18.90 -6.31 -17.10
CA GLU D 230 -19.52 -7.36 -16.30
C GLU D 230 -18.57 -7.97 -15.27
N GLU D 231 -17.27 -8.02 -15.59
CA GLU D 231 -16.26 -8.52 -14.66
C GLU D 231 -16.03 -7.54 -13.49
N VAL D 232 -16.41 -6.28 -13.68
CA VAL D 232 -16.41 -5.33 -12.59
C VAL D 232 -17.73 -5.36 -11.80
N ALA D 233 -18.86 -5.42 -12.50
CA ALA D 233 -20.17 -5.43 -11.83
C ALA D 233 -20.35 -6.55 -10.79
N THR D 234 -19.72 -7.69 -11.02
CA THR D 234 -19.81 -8.79 -10.06
C THR D 234 -19.34 -8.44 -8.63
N ALA D 235 -18.33 -7.58 -8.52
CA ALA D 235 -17.84 -7.09 -7.23
C ALA D 235 -18.84 -6.18 -6.54
N ALA D 236 -19.61 -5.42 -7.34
CA ALA D 236 -20.67 -4.55 -6.83
C ALA D 236 -21.81 -5.38 -6.21
N VAL D 237 -22.12 -6.53 -6.81
CA VAL D 237 -23.03 -7.46 -6.16
C VAL D 237 -22.47 -7.99 -4.84
N PHE D 238 -21.22 -8.46 -4.86
CA PHE D 238 -20.59 -9.02 -3.67
C PHE D 238 -20.59 -8.02 -2.48
N LEU D 239 -20.26 -6.78 -2.75
CA LEU D 239 -20.11 -5.78 -1.70
C LEU D 239 -21.49 -5.24 -1.20
N ALA D 240 -22.56 -5.55 -1.94
CA ALA D 240 -23.90 -5.09 -1.56
C ALA D 240 -24.69 -6.16 -0.79
N GLU D 241 -24.27 -7.42 -0.84
CA GLU D 241 -25.07 -8.54 -0.28
C GLU D 241 -24.83 -8.75 1.22
N ASP D 242 -25.80 -9.39 1.88
CA ASP D 242 -25.78 -9.53 3.33
C ASP D 242 -24.50 -10.16 3.90
N GLY D 243 -23.93 -11.12 3.18
CA GLY D 243 -22.77 -11.86 3.65
C GLY D 243 -21.50 -11.03 3.80
N SER D 244 -21.43 -9.88 3.13
CA SER D 244 -20.25 -8.99 3.20
C SER D 244 -20.26 -8.04 4.42
N SER D 245 -20.76 -8.54 5.55
CA SER D 245 -21.07 -7.70 6.71
C SER D 245 -19.86 -7.26 7.54
N PHE D 246 -18.68 -7.82 7.28
CA PHE D 246 -17.48 -7.39 8.00
C PHE D 246 -16.49 -6.67 7.11
N ILE D 247 -16.91 -6.32 5.89
CA ILE D 247 -16.05 -5.67 4.91
C ILE D 247 -16.37 -4.17 4.82
N THR D 248 -15.43 -3.35 5.26
CA THR D 248 -15.58 -1.89 5.13
C THR D 248 -14.22 -1.23 5.16
N GLY D 249 -14.16 -0.10 4.50
CA GLY D 249 -12.95 0.68 4.29
C GLY D 249 -11.96 0.03 3.32
N SER D 250 -12.37 -0.98 2.58
CA SER D 250 -11.47 -1.76 1.73
C SER D 250 -11.68 -1.46 0.24
N THR D 251 -10.74 -1.96 -0.56
CA THR D 251 -10.75 -1.87 -1.98
C THR D 251 -10.73 -3.29 -2.58
N ILE D 252 -11.60 -3.54 -3.58
CA ILE D 252 -11.50 -4.74 -4.43
C ILE D 252 -10.90 -4.33 -5.77
N THR D 253 -9.72 -4.85 -6.08
CA THR D 253 -9.03 -4.47 -7.32
C THR D 253 -9.31 -5.53 -8.38
N ILE D 254 -9.69 -5.07 -9.56
CA ILE D 254 -10.16 -5.90 -10.67
C ILE D 254 -9.43 -5.43 -11.91
N ASP D 255 -8.18 -5.91 -12.06
CA ASP D 255 -7.27 -5.39 -13.06
C ASP D 255 -6.37 -6.42 -13.76
N GLY D 256 -6.75 -7.68 -13.69
CA GLY D 256 -6.03 -8.71 -14.41
C GLY D 256 -4.58 -8.87 -13.99
N GLY D 257 -4.26 -8.39 -12.78
CA GLY D 257 -2.91 -8.48 -12.24
C GLY D 257 -2.05 -7.27 -12.47
N LEU D 258 -2.59 -6.22 -13.10
CA LEU D 258 -1.80 -5.01 -13.39
C LEU D 258 -1.05 -4.45 -12.18
N SER D 259 -1.74 -4.25 -11.06
CA SER D 259 -1.11 -3.65 -9.90
C SER D 259 -0.20 -4.61 -9.12
N ALA D 260 -0.27 -5.90 -9.41
CA ALA D 260 0.50 -6.92 -8.71
C ALA D 260 1.88 -7.19 -9.31
N MET D 261 2.12 -6.74 -10.54
CA MET D 261 3.26 -7.18 -11.39
C MET D 261 4.19 -6.04 -11.77
N ILE D 262 5.49 -6.28 -11.84
CA ILE D 262 6.43 -5.33 -12.45
C ILE D 262 7.27 -6.13 -13.47
N PHE D 263 7.76 -5.43 -14.48
CA PHE D 263 8.50 -6.06 -15.60
C PHE D 263 7.77 -7.23 -16.22
N GLY D 264 6.45 -7.07 -16.38
CA GLY D 264 5.62 -8.04 -17.02
C GLY D 264 5.97 -8.32 -18.46
N GLY D 265 6.59 -7.37 -19.15
CA GLY D 265 7.04 -7.61 -20.52
C GLY D 265 8.15 -8.64 -20.67
N MET D 266 8.77 -8.99 -19.54
CA MET D 266 9.87 -9.96 -19.53
C MET D 266 9.42 -11.40 -19.25
N ARG D 267 8.12 -11.59 -19.02
CA ARG D 267 7.62 -12.89 -18.65
C ARG D 267 7.58 -13.87 -19.84
N GLU D 268 7.68 -15.15 -19.51
CA GLU D 268 7.50 -16.25 -20.48
C GLU D 268 6.20 -16.09 -21.24
N GLY D 269 6.28 -16.15 -22.56
CA GLY D 269 5.12 -15.92 -23.40
C GLY D 269 5.10 -14.54 -23.98
N ARG D 270 5.80 -13.59 -23.33
CA ARG D 270 5.88 -12.22 -23.83
C ARG D 270 7.21 -11.85 -24.45
N ARG D 271 8.31 -12.21 -23.80
CA ARG D 271 9.64 -11.85 -24.29
C ARG D 271 10.06 -12.65 -25.53
#